data_2XHL
#
_entry.id   2XHL
#
_cell.length_a   66.890
_cell.length_b   149.100
_cell.length_c   113.490
_cell.angle_alpha   90.00
_cell.angle_beta   90.00
_cell.angle_gamma   90.00
#
_symmetry.space_group_name_H-M   'P 21 21 2'
#
loop_
_entity.id
_entity.type
_entity.pdbx_description
1 polymer 'BOTULINUM NEUROTOXIN B LIGHT CHAIN'
2 polymer 'BOTULINUM NEUROTOXIN B HEAVY CHAIN'
3 non-polymer 'ZINC ION'
4 water water
#
loop_
_entity_poly.entity_id
_entity_poly.type
_entity_poly.pdbx_seq_one_letter_code
_entity_poly.pdbx_strand_id
1 'polypeptide(L)'
;MPVTINNFNYNDPIDNNNIIMMEPPFARGTGRYYKAFKITDRIWIIPERYTFGYKPEDFNKSSGIFNRDVCEYYDPDYLN
TNDKKNIFLQTMIKLFNRIKSKPLGEKLLEMIINGIPYLGDRRVPLEEFNTNIASVTVNKLISNPGEVERKKGIFANLII
FGPGPVLNENETIDIGIQNHFASREGFGGIMQMKFCPEYVSVFNNVQENKGASIFNRRGYFSDPALILMHELIHVLHGLY
GIKVDDLPIVPNEKKFFMQSTDAIQAEELYTFGGQDPSIITPSTDKSIYDKVLQNFRGIVDRLNKVLVCISDPNININIY
KNKFKDKYKFVEDSEGKYSIDVESFDKLYKSLMFGFTETNIAENYKIKTRASYFSDSLPPVKIKNLLDNEIYTIEEGFNI
SDKDMEKEYRGQNKAINKQAYEEISKEHLAVYKIQMCVDGIITSKTKSLIEGR
;
A
2 'polypeptide(L)'
;NKALNLQCIDVDNEDLFFIADKNSFSDDLSKNERIEYNTQSNYIENDFPINELILDTDLISKIELPSENTESLTDFNVDV
PVYEKQPAIKKIFTDENTIFQYLYSQTFPLDIRDISLTSSFDDALLFSNKVYSFFSMDYIKTANKVVEAGLFAGWVKQIV
NDFVIEANKSNTMDKIADISLIVPYIGLALNVGNETAKGNFENAFEIAGASILLEFIPELLIPVVGAFLLESYIDNKNKI
IKTIDNALTKRNEKWSDMYGLIVAQWLSTVNTQFYTIKEGMYKALNYQAQALEEIIKYRYNIYSEKEKSNINIDFNDINS
KLNEGINQAIDNINNFINGCSVSYLMKKMIPLAVEKLLDFDNTLKKNLLNYIDENKLYLIGSAEYEKSKVNKYLKTIMPF
DLSIYTNDTILIEMFNKYNSLEALASGHHHHHH
;
B
#
loop_
_chem_comp.id
_chem_comp.type
_chem_comp.name
_chem_comp.formula
ZN non-polymer 'ZINC ION' 'Zn 2'
#
# COMPACT_ATOMS: atom_id res chain seq x y z
N MET A 1 26.50 16.36 -7.19
CA MET A 1 26.69 17.58 -6.35
C MET A 1 25.40 17.92 -5.57
N PRO A 2 25.42 18.98 -4.73
CA PRO A 2 24.20 19.40 -4.00
C PRO A 2 23.05 19.76 -4.94
N VAL A 3 21.88 19.16 -4.69
CA VAL A 3 20.70 19.32 -5.55
C VAL A 3 20.15 20.75 -5.51
N THR A 4 20.02 21.35 -6.70
CA THR A 4 19.51 22.70 -6.85
C THR A 4 18.14 22.70 -7.54
N ILE A 5 17.13 23.18 -6.83
CA ILE A 5 15.80 23.38 -7.40
C ILE A 5 15.76 24.74 -8.10
N ASN A 6 15.18 24.77 -9.29
CA ASN A 6 15.11 26.00 -10.08
C ASN A 6 13.85 26.81 -9.81
N ASN A 7 13.96 28.13 -10.02
CA ASN A 7 12.81 29.03 -9.90
C ASN A 7 12.44 29.64 -11.24
N PHE A 8 11.13 29.73 -11.50
CA PHE A 8 10.62 30.27 -12.76
C PHE A 8 9.11 30.47 -12.70
N ASN A 9 8.59 31.28 -13.60
CA ASN A 9 7.15 31.46 -13.78
C ASN A 9 6.70 30.79 -15.08
N TYR A 10 5.41 30.46 -15.17
CA TYR A 10 4.84 29.89 -16.39
C TYR A 10 4.91 30.88 -17.57
N ASN A 11 4.84 32.17 -17.25
CA ASN A 11 4.88 33.24 -18.24
C ASN A 11 6.26 33.47 -18.87
N ASP A 12 7.31 33.04 -18.17
CA ASP A 12 8.69 33.19 -18.64
C ASP A 12 8.88 32.67 -20.07
N PRO A 13 9.71 33.35 -20.87
CA PRO A 13 9.91 32.94 -22.27
C PRO A 13 10.66 31.61 -22.40
N ILE A 14 10.53 30.99 -23.57
CA ILE A 14 11.24 29.76 -23.89
C ILE A 14 12.68 30.10 -24.27
N ASP A 15 13.63 29.51 -23.54
CA ASP A 15 15.05 29.76 -23.76
C ASP A 15 15.82 28.53 -24.27
N ASN A 16 15.09 27.45 -24.53
CA ASN A 16 15.65 26.17 -24.96
C ASN A 16 16.80 25.66 -24.06
N ASN A 17 16.60 25.83 -22.75
CA ASN A 17 17.55 25.38 -21.75
C ASN A 17 16.80 24.80 -20.54
N ASN A 18 16.18 25.68 -19.75
CA ASN A 18 15.37 25.28 -18.60
C ASN A 18 13.87 25.34 -18.90
N ILE A 19 13.50 26.06 -19.94
CA ILE A 19 12.11 26.16 -20.39
C ILE A 19 12.05 25.88 -21.88
N ILE A 20 11.36 24.80 -22.25
CA ILE A 20 11.37 24.29 -23.62
C ILE A 20 9.97 23.91 -24.11
N MET A 21 9.86 23.62 -25.40
CA MET A 21 8.67 23.00 -25.95
C MET A 21 8.97 21.52 -26.19
N MET A 22 8.35 20.66 -25.37
CA MET A 22 8.66 19.23 -25.36
C MET A 22 7.56 18.36 -25.98
N GLU A 23 7.99 17.39 -26.78
CA GLU A 23 7.13 16.36 -27.34
C GLU A 23 7.25 15.09 -26.50
N PRO A 24 6.31 14.89 -25.54
CA PRO A 24 6.39 13.78 -24.59
C PRO A 24 6.29 12.41 -25.26
N PRO A 25 6.79 11.35 -24.59
CA PRO A 25 6.89 10.02 -25.22
C PRO A 25 5.57 9.46 -25.78
N PHE A 26 4.45 9.80 -25.15
CA PHE A 26 3.14 9.29 -25.59
C PHE A 26 2.44 10.14 -26.66
N ALA A 27 3.06 11.25 -27.04
CA ALA A 27 2.53 12.09 -28.13
C ALA A 27 2.75 11.43 -29.49
N ARG A 28 3.66 10.45 -29.53
CA ARG A 28 3.92 9.62 -30.72
C ARG A 28 4.49 10.38 -31.93
N GLY A 29 5.00 11.59 -31.69
CA GLY A 29 5.54 12.43 -32.75
C GLY A 29 4.46 13.00 -33.66
N THR A 30 3.28 13.27 -33.08
CA THR A 30 2.14 13.78 -33.83
C THR A 30 2.07 15.30 -33.82
N GLY A 31 3.15 15.95 -33.38
CA GLY A 31 3.25 17.40 -33.38
C GLY A 31 2.51 18.10 -32.24
N ARG A 32 2.23 17.35 -31.18
CA ARG A 32 1.62 17.93 -29.98
C ARG A 32 2.74 18.32 -29.02
N TYR A 33 3.10 19.60 -29.03
CA TYR A 33 4.18 20.10 -28.17
C TYR A 33 3.64 20.83 -26.94
N TYR A 34 4.26 20.54 -25.79
CA TYR A 34 3.84 21.10 -24.52
C TYR A 34 4.97 21.96 -23.95
N LYS A 35 4.60 23.01 -23.21
CA LYS A 35 5.59 23.85 -22.54
C LYS A 35 6.12 23.16 -21.29
N ALA A 36 7.43 22.89 -21.27
CA ALA A 36 8.06 22.09 -20.22
C ALA A 36 9.08 22.89 -19.41
N PHE A 37 9.15 22.58 -18.11
CA PHE A 37 10.00 23.32 -17.18
C PHE A 37 10.94 22.39 -16.40
N LYS A 38 12.25 22.59 -16.55
CA LYS A 38 13.23 21.77 -15.83
C LYS A 38 13.39 22.21 -14.38
N ILE A 39 12.83 21.43 -13.47
CA ILE A 39 12.87 21.75 -12.05
C ILE A 39 14.23 21.38 -11.42
N THR A 40 14.76 20.24 -11.83
CA THR A 40 16.13 19.82 -11.53
C THR A 40 16.63 19.05 -12.73
N ASP A 41 17.94 18.88 -12.83
CA ASP A 41 18.54 18.10 -13.91
C ASP A 41 17.81 16.78 -14.10
N ARG A 42 17.39 16.52 -15.34
CA ARG A 42 16.69 15.29 -15.75
C ARG A 42 15.23 15.17 -15.24
N ILE A 43 14.75 16.16 -14.50
CA ILE A 43 13.36 16.18 -14.07
C ILE A 43 12.62 17.37 -14.67
N TRP A 44 11.50 17.10 -15.35
CA TRP A 44 10.72 18.15 -16.03
C TRP A 44 9.29 18.24 -15.53
N ILE A 45 8.77 19.46 -15.45
CA ILE A 45 7.38 19.69 -15.10
C ILE A 45 6.59 20.23 -16.30
N ILE A 46 5.54 19.50 -16.67
CA ILE A 46 4.57 19.99 -17.64
C ILE A 46 3.25 20.25 -16.89
N PRO A 47 2.95 21.53 -16.58
CA PRO A 47 1.77 21.86 -15.79
C PRO A 47 0.46 21.80 -16.57
N GLU A 48 0.22 20.66 -17.22
CA GLU A 48 -1.00 20.45 -18.00
C GLU A 48 -1.63 19.10 -17.66
N ARG A 49 -2.92 18.97 -17.95
CA ARG A 49 -3.65 17.73 -17.70
C ARG A 49 -3.12 16.57 -18.53
N TYR A 50 -3.08 15.40 -17.91
CA TYR A 50 -2.60 14.19 -18.56
C TYR A 50 -3.73 13.61 -19.40
N THR A 51 -3.62 13.74 -20.72
CA THR A 51 -4.71 13.37 -21.63
C THR A 51 -4.43 12.12 -22.45
N PHE A 52 -3.29 11.48 -22.20
CA PHE A 52 -2.87 10.32 -22.99
C PHE A 52 -3.59 9.05 -22.56
N GLY A 53 -4.45 8.54 -23.44
CA GLY A 53 -5.23 7.34 -23.16
C GLY A 53 -6.61 7.62 -22.63
N TYR A 54 -6.92 8.91 -22.47
CA TYR A 54 -8.25 9.34 -22.00
C TYR A 54 -9.00 10.09 -23.09
N LYS A 55 -10.32 10.08 -23.00
CA LYS A 55 -11.17 10.81 -23.93
C LYS A 55 -11.53 12.15 -23.31
N PRO A 56 -11.69 13.20 -24.15
CA PRO A 56 -12.06 14.54 -23.65
C PRO A 56 -13.26 14.52 -22.70
N GLU A 57 -14.23 13.65 -22.99
CA GLU A 57 -15.45 13.54 -22.20
C GLU A 57 -15.25 12.80 -20.88
N ASP A 58 -14.19 11.99 -20.80
CA ASP A 58 -13.87 11.22 -19.60
C ASP A 58 -13.49 12.08 -18.39
N PHE A 59 -13.15 13.34 -18.65
CA PHE A 59 -12.79 14.29 -17.61
C PHE A 59 -14.00 14.80 -16.82
N ASN A 60 -15.20 14.41 -17.25
CA ASN A 60 -16.45 14.74 -16.57
C ASN A 60 -16.94 13.61 -15.68
N LYS A 61 -17.57 13.97 -14.56
CA LYS A 61 -18.14 12.99 -13.64
C LYS A 61 -19.31 12.27 -14.29
N SER A 62 -19.15 10.96 -14.45
CA SER A 62 -20.14 10.11 -15.11
C SER A 62 -20.63 9.03 -14.14
N SER A 63 -21.71 8.35 -14.53
CA SER A 63 -22.26 7.24 -13.73
C SER A 63 -21.31 6.04 -13.61
N GLY A 64 -20.08 6.20 -14.10
CA GLY A 64 -19.06 5.16 -14.04
C GLY A 64 -17.76 5.60 -13.39
N ILE A 65 -16.87 4.63 -13.19
CA ILE A 65 -15.56 4.85 -12.56
C ILE A 65 -14.42 4.22 -13.35
N PHE A 66 -13.20 4.70 -13.14
CA PHE A 66 -12.00 4.10 -13.72
C PHE A 66 -11.50 2.94 -12.86
N ASN A 67 -11.28 3.21 -11.57
CA ASN A 67 -10.80 2.20 -10.64
C ASN A 67 -11.70 2.07 -9.41
N ARG A 68 -11.98 0.83 -9.02
CA ARG A 68 -12.98 0.53 -7.98
C ARG A 68 -12.49 0.78 -6.57
N ASP A 69 -11.24 1.21 -6.43
CA ASP A 69 -10.60 1.36 -5.12
C ASP A 69 -10.57 2.80 -4.61
N VAL A 70 -10.81 3.73 -5.53
CA VAL A 70 -10.65 5.16 -5.25
C VAL A 70 -12.01 5.87 -5.21
N CYS A 71 -12.17 6.76 -4.24
CA CYS A 71 -13.23 7.77 -4.31
C CYS A 71 -12.78 8.81 -5.35
N GLU A 72 -13.32 8.68 -6.55
CA GLU A 72 -12.82 9.43 -7.71
C GLU A 72 -13.44 10.82 -7.85
N TYR A 73 -12.60 11.85 -7.72
CA TYR A 73 -13.03 13.22 -7.89
C TYR A 73 -12.64 13.78 -9.26
N TYR A 74 -13.64 14.26 -9.99
CA TYR A 74 -13.45 14.83 -11.32
C TYR A 74 -13.59 16.35 -11.27
N ASP A 75 -12.81 17.05 -12.09
CA ASP A 75 -12.89 18.51 -12.24
C ASP A 75 -12.19 18.94 -13.54
N PRO A 76 -12.96 19.13 -14.62
CA PRO A 76 -12.42 19.43 -15.95
C PRO A 76 -11.74 20.80 -16.06
N ASP A 77 -12.07 21.71 -15.14
CA ASP A 77 -11.58 23.08 -15.21
C ASP A 77 -10.32 23.34 -14.37
N TYR A 78 -9.71 22.26 -13.90
CA TYR A 78 -8.45 22.32 -13.18
C TYR A 78 -7.30 22.44 -14.18
N LEU A 79 -6.46 23.45 -13.99
CA LEU A 79 -5.32 23.78 -14.89
C LEU A 79 -5.75 24.19 -16.30
N ASN A 80 -6.83 24.96 -16.40
CA ASN A 80 -7.37 25.37 -17.70
C ASN A 80 -6.85 26.74 -18.16
N THR A 81 -6.24 27.49 -17.25
CA THR A 81 -5.72 28.82 -17.57
C THR A 81 -4.30 29.04 -17.05
N ASN A 82 -3.60 30.02 -17.65
CA ASN A 82 -2.19 30.30 -17.34
C ASN A 82 -1.90 30.65 -15.88
N ASP A 83 -2.79 31.40 -15.25
CA ASP A 83 -2.66 31.71 -13.83
C ASP A 83 -2.70 30.43 -12.98
N LYS A 84 -3.59 29.51 -13.35
CA LYS A 84 -3.73 28.22 -12.63
C LYS A 84 -2.53 27.31 -12.84
N LYS A 85 -2.00 27.28 -14.07
CA LYS A 85 -0.82 26.48 -14.40
C LYS A 85 0.40 26.96 -13.64
N ASN A 86 0.43 28.26 -13.35
CA ASN A 86 1.53 28.87 -12.61
C ASN A 86 1.51 28.50 -11.14
N ILE A 87 0.31 28.49 -10.54
CA ILE A 87 0.13 28.01 -9.17
C ILE A 87 0.70 26.60 -9.03
N PHE A 88 0.39 25.75 -10.02
CA PHE A 88 0.91 24.39 -10.08
C PHE A 88 2.43 24.33 -9.97
N LEU A 89 3.11 25.13 -10.79
CA LEU A 89 4.58 25.17 -10.81
C LEU A 89 5.19 25.57 -9.47
N GLN A 90 4.66 26.63 -8.86
CA GLN A 90 5.19 27.15 -7.59
C GLN A 90 4.91 26.18 -6.45
N THR A 91 3.79 25.47 -6.53
CA THR A 91 3.46 24.43 -5.55
C THR A 91 4.44 23.26 -5.68
N MET A 92 4.73 22.86 -6.92
CA MET A 92 5.68 21.79 -7.19
C MET A 92 7.09 22.17 -6.72
N ILE A 93 7.46 23.43 -6.91
CA ILE A 93 8.74 23.96 -6.44
C ILE A 93 8.81 23.94 -4.90
N LYS A 94 7.70 24.29 -4.25
CA LYS A 94 7.62 24.28 -2.79
C LYS A 94 7.72 22.87 -2.22
N LEU A 95 7.04 21.91 -2.87
CA LEU A 95 7.08 20.51 -2.45
C LEU A 95 8.46 19.89 -2.64
N PHE A 96 9.13 20.24 -3.75
CA PHE A 96 10.50 19.80 -4.01
C PHE A 96 11.49 20.37 -2.99
N ASN A 97 11.25 21.60 -2.54
CA ASN A 97 12.07 22.22 -1.49
C ASN A 97 11.85 21.56 -0.13
N ARG A 98 10.62 21.10 0.10
CA ARG A 98 10.31 20.34 1.32
C ARG A 98 11.03 19.00 1.32
N ILE A 99 11.13 18.38 0.15
CA ILE A 99 11.77 17.07 0.00
C ILE A 99 13.27 17.13 0.27
N LYS A 100 13.95 18.09 -0.37
CA LYS A 100 15.39 18.26 -0.17
C LYS A 100 15.75 18.90 1.18
N SER A 101 14.74 19.24 1.98
CA SER A 101 14.98 19.89 3.29
C SER A 101 15.45 18.91 4.37
N LYS A 102 15.47 17.62 4.05
CA LYS A 102 16.07 16.60 4.90
C LYS A 102 16.98 15.72 4.06
N PRO A 103 18.05 15.16 4.67
CA PRO A 103 19.04 14.37 3.93
C PRO A 103 18.45 13.17 3.18
N LEU A 104 17.48 12.49 3.78
CA LEU A 104 16.85 11.32 3.18
C LEU A 104 16.18 11.67 1.84
N GLY A 105 15.36 12.72 1.86
CA GLY A 105 14.67 13.18 0.66
C GLY A 105 15.64 13.68 -0.40
N GLU A 106 16.72 14.33 0.04
CA GLU A 106 17.76 14.80 -0.86
C GLU A 106 18.44 13.61 -1.56
N LYS A 107 18.68 12.53 -0.83
CA LYS A 107 19.24 11.31 -1.44
C LYS A 107 18.30 10.70 -2.45
N LEU A 108 17.01 10.64 -2.12
CA LEU A 108 16.00 10.14 -3.05
C LEU A 108 16.06 10.90 -4.38
N LEU A 109 16.16 12.22 -4.29
CA LEU A 109 16.24 13.06 -5.47
C LEU A 109 17.50 12.84 -6.29
N GLU A 110 18.66 12.79 -5.62
CA GLU A 110 19.92 12.62 -6.33
C GLU A 110 20.08 11.22 -6.92
N MET A 111 19.40 10.25 -6.32
CA MET A 111 19.30 8.90 -6.87
C MET A 111 18.56 8.96 -8.21
N ILE A 112 17.44 9.68 -8.21
CA ILE A 112 16.57 9.84 -9.37
C ILE A 112 17.27 10.58 -10.52
N ILE A 113 17.93 11.69 -10.19
CA ILE A 113 18.66 12.48 -11.17
C ILE A 113 19.77 11.66 -11.85
N ASN A 114 20.53 10.93 -11.04
CA ASN A 114 21.71 10.20 -11.53
C ASN A 114 21.39 8.81 -12.06
N GLY A 115 20.19 8.32 -11.79
CA GLY A 115 19.79 6.99 -12.22
C GLY A 115 19.29 6.99 -13.65
N ILE A 116 20.13 7.49 -14.56
CA ILE A 116 19.74 7.64 -15.97
C ILE A 116 19.40 6.31 -16.63
N PRO A 117 18.37 6.30 -17.50
CA PRO A 117 18.03 5.09 -18.24
C PRO A 117 19.21 4.59 -19.06
N TYR A 118 19.32 3.26 -19.21
CA TYR A 118 20.34 2.69 -20.07
C TYR A 118 20.06 3.10 -21.51
N LEU A 119 21.12 3.37 -22.27
CA LEU A 119 20.94 3.80 -23.63
C LEU A 119 20.70 2.57 -24.48
N GLY A 120 19.53 1.97 -24.28
CA GLY A 120 19.13 0.80 -25.02
C GLY A 120 17.84 0.14 -24.56
N ASP A 121 17.65 -1.10 -25.01
CA ASP A 121 16.42 -1.85 -24.84
C ASP A 121 16.80 -3.32 -24.96
N ARG A 122 15.82 -4.21 -24.82
CA ARG A 122 16.07 -5.65 -24.99
C ARG A 122 16.35 -6.01 -26.45
N ARG A 123 15.88 -5.17 -27.37
CA ARG A 123 16.00 -5.41 -28.82
C ARG A 123 17.33 -4.91 -29.38
N VAL A 124 18.03 -4.11 -28.59
CA VAL A 124 19.34 -3.56 -28.98
C VAL A 124 20.40 -4.64 -28.82
N PRO A 125 21.22 -4.86 -29.87
CA PRO A 125 22.35 -5.78 -29.77
C PRO A 125 23.30 -5.36 -28.64
N LEU A 126 23.82 -6.35 -27.91
CA LEU A 126 24.67 -6.13 -26.74
C LEU A 126 25.82 -5.15 -26.99
N GLU A 127 26.40 -5.21 -28.18
CA GLU A 127 27.56 -4.41 -28.55
C GLU A 127 27.23 -2.93 -28.83
N GLU A 128 25.97 -2.55 -28.67
CA GLU A 128 25.49 -1.25 -29.13
C GLU A 128 24.80 -0.37 -28.08
N PHE A 129 24.95 0.94 -28.26
CA PHE A 129 24.08 1.90 -27.59
C PHE A 129 23.09 2.44 -28.62
N ASN A 130 21.84 2.61 -28.21
CA ASN A 130 20.82 3.19 -29.08
C ASN A 130 19.92 4.16 -28.35
N THR A 131 19.94 5.42 -28.78
CA THR A 131 19.21 6.48 -28.12
C THR A 131 17.84 6.67 -28.77
N ASN A 132 17.73 6.27 -30.03
CA ASN A 132 16.51 6.44 -30.83
C ASN A 132 15.37 5.49 -30.44
N ILE A 133 15.02 5.48 -29.16
CA ILE A 133 13.82 4.81 -28.67
C ILE A 133 13.09 5.71 -27.67
N ALA A 134 11.76 5.56 -27.61
CA ALA A 134 10.90 6.47 -26.85
C ALA A 134 11.12 6.44 -25.34
N SER A 135 11.77 5.38 -24.85
CA SER A 135 12.05 5.23 -23.42
C SER A 135 13.38 5.88 -23.01
N VAL A 136 14.11 6.38 -24.00
CA VAL A 136 15.41 7.02 -23.75
C VAL A 136 15.42 8.51 -24.14
N THR A 137 14.89 8.83 -25.32
CA THR A 137 14.97 10.20 -25.84
C THR A 137 13.59 10.86 -25.99
N VAL A 138 13.57 12.17 -25.79
CA VAL A 138 12.38 13.00 -25.95
C VAL A 138 12.75 14.26 -26.74
N ASN A 139 11.89 14.67 -27.67
CA ASN A 139 12.19 15.80 -28.55
C ASN A 139 11.79 17.15 -27.98
N LYS A 140 12.65 18.15 -28.19
CA LYS A 140 12.26 19.54 -27.97
C LYS A 140 12.28 20.31 -29.29
N LEU A 141 11.32 21.23 -29.42
CA LEU A 141 11.22 22.07 -30.60
C LEU A 141 11.96 23.38 -30.35
N ILE A 142 12.84 23.74 -31.28
CA ILE A 142 13.65 24.95 -31.16
C ILE A 142 13.26 25.99 -32.21
N SER A 143 12.30 25.65 -33.05
CA SER A 143 11.78 26.54 -34.09
C SER A 143 10.92 27.65 -33.51
N ASN A 144 10.98 28.82 -34.14
CA ASN A 144 10.05 29.91 -33.84
C ASN A 144 8.62 29.47 -34.19
N PRO A 145 7.63 29.89 -33.40
CA PRO A 145 6.24 29.50 -33.67
C PRO A 145 5.82 29.79 -35.12
N GLY A 146 5.34 28.74 -35.80
CA GLY A 146 4.94 28.85 -37.21
C GLY A 146 6.11 28.96 -38.16
N GLU A 147 6.96 27.93 -38.17
CA GLU A 147 8.16 27.88 -39.00
C GLU A 147 8.50 26.43 -39.33
N VAL A 148 9.48 26.21 -40.20
CA VAL A 148 9.94 24.88 -40.58
C VAL A 148 10.41 24.12 -39.34
N GLU A 149 9.77 22.97 -39.08
CA GLU A 149 10.00 22.17 -37.87
C GLU A 149 11.44 21.72 -37.72
N ARG A 150 12.11 22.24 -36.68
CA ARG A 150 13.47 21.86 -36.32
C ARG A 150 13.49 21.33 -34.89
N LYS A 151 13.91 20.07 -34.73
CA LYS A 151 13.85 19.42 -33.43
C LYS A 151 15.22 19.02 -32.91
N LYS A 152 15.33 18.92 -31.58
CA LYS A 152 16.56 18.49 -30.92
C LYS A 152 16.20 17.51 -29.81
N GLY A 153 17.09 16.54 -29.57
CA GLY A 153 16.87 15.52 -28.55
C GLY A 153 17.49 15.84 -27.20
N ILE A 154 16.78 15.49 -26.13
CA ILE A 154 17.33 15.57 -24.77
C ILE A 154 17.06 14.29 -23.97
N PHE A 155 17.99 13.97 -23.07
CA PHE A 155 17.79 12.87 -22.12
C PHE A 155 17.00 13.36 -20.91
N ALA A 156 16.03 12.56 -20.49
CA ALA A 156 15.21 12.90 -19.35
C ALA A 156 14.99 11.67 -18.47
N ASN A 157 14.85 11.89 -17.17
CA ASN A 157 14.57 10.81 -16.23
C ASN A 157 13.11 10.77 -15.83
N LEU A 158 12.56 11.93 -15.46
CA LEU A 158 11.18 12.03 -15.02
C LEU A 158 10.47 13.22 -15.66
N ILE A 159 9.26 12.97 -16.16
CA ILE A 159 8.38 14.03 -16.65
C ILE A 159 7.09 14.03 -15.83
N ILE A 160 6.85 15.13 -15.13
CA ILE A 160 5.65 15.27 -14.28
C ILE A 160 4.57 16.07 -14.96
N PHE A 161 3.41 15.44 -15.13
CA PHE A 161 2.22 16.10 -15.65
C PHE A 161 1.27 16.39 -14.50
N GLY A 162 0.27 17.24 -14.76
CA GLY A 162 -0.86 17.40 -13.87
C GLY A 162 -1.75 16.16 -13.95
N PRO A 163 -2.84 16.14 -13.17
CA PRO A 163 -3.63 14.91 -13.08
C PRO A 163 -4.45 14.64 -14.33
N GLY A 164 -4.95 13.40 -14.46
CA GLY A 164 -5.88 13.06 -15.51
C GLY A 164 -7.30 13.41 -15.08
N PRO A 165 -8.30 12.64 -15.54
CA PRO A 165 -9.69 12.90 -15.19
C PRO A 165 -9.95 12.87 -13.69
N VAL A 166 -9.28 11.96 -12.99
CA VAL A 166 -9.41 11.83 -11.54
C VAL A 166 -8.22 12.53 -10.88
N LEU A 167 -8.52 13.62 -10.15
CA LEU A 167 -7.47 14.47 -9.58
C LEU A 167 -6.69 13.78 -8.46
N ASN A 168 -7.39 13.01 -7.63
CA ASN A 168 -6.78 12.39 -6.45
C ASN A 168 -6.12 11.03 -6.71
N GLU A 169 -6.02 10.66 -7.99
CA GLU A 169 -5.43 9.39 -8.38
C GLU A 169 -4.05 9.59 -9.00
N ASN A 170 -3.03 9.70 -8.15
CA ASN A 170 -1.66 9.94 -8.60
C ASN A 170 -0.94 8.65 -8.98
N GLU A 171 -0.50 8.58 -10.24
CA GLU A 171 0.11 7.36 -10.77
C GLU A 171 1.45 7.64 -11.45
N THR A 172 2.34 6.66 -11.38
CA THR A 172 3.61 6.72 -12.07
C THR A 172 3.65 5.66 -13.15
N ILE A 173 3.63 6.10 -14.41
CA ILE A 173 3.55 5.18 -15.54
C ILE A 173 4.92 5.00 -16.20
N ASP A 174 5.20 3.78 -16.64
CA ASP A 174 6.42 3.49 -17.38
C ASP A 174 6.14 3.22 -18.87
N ILE A 175 7.21 3.21 -19.67
CA ILE A 175 7.07 3.13 -21.13
C ILE A 175 7.29 1.73 -21.67
N GLY A 176 6.25 1.20 -22.33
CA GLY A 176 6.32 -0.11 -22.96
C GLY A 176 6.50 -0.01 -24.47
N ILE A 177 7.43 -0.80 -24.99
CA ILE A 177 7.63 -0.90 -26.42
C ILE A 177 7.50 -2.36 -26.86
N GLN A 178 6.51 -2.62 -27.70
CA GLN A 178 6.20 -3.96 -28.20
C GLN A 178 6.02 -4.95 -27.06
N ASN A 179 5.10 -4.61 -26.14
CA ASN A 179 4.77 -5.39 -24.96
C ASN A 179 5.96 -5.78 -24.07
N HIS A 180 6.93 -4.88 -23.97
CA HIS A 180 8.07 -5.06 -23.09
C HIS A 180 8.50 -3.73 -22.50
N PHE A 181 8.84 -3.76 -21.20
CA PHE A 181 9.13 -2.56 -20.44
C PHE A 181 10.59 -2.53 -20.00
N ALA A 182 11.32 -1.52 -20.44
CA ALA A 182 12.72 -1.34 -20.07
C ALA A 182 12.89 -1.11 -18.58
N SER A 183 11.92 -0.44 -17.97
CA SER A 183 11.94 -0.14 -16.54
C SER A 183 11.54 -1.36 -15.71
N ARG A 184 11.38 -2.49 -16.39
CA ARG A 184 11.10 -3.78 -15.73
C ARG A 184 12.14 -4.83 -16.07
N GLU A 185 13.20 -4.42 -16.77
CA GLU A 185 14.19 -5.36 -17.27
C GLU A 185 15.65 -4.99 -16.95
N GLY A 186 15.84 -4.08 -16.00
CA GLY A 186 17.18 -3.66 -15.59
C GLY A 186 17.71 -2.45 -16.34
N PHE A 187 17.09 -2.14 -17.47
CA PHE A 187 17.52 -1.02 -18.30
C PHE A 187 17.10 0.31 -17.71
N GLY A 188 15.87 0.37 -17.24
CA GLY A 188 15.29 1.63 -16.80
C GLY A 188 14.83 2.43 -17.99
N GLY A 189 13.90 3.35 -17.78
CA GLY A 189 13.41 4.20 -18.86
C GLY A 189 12.80 5.48 -18.34
N ILE A 190 12.56 6.42 -19.25
CA ILE A 190 11.92 7.69 -18.89
C ILE A 190 10.63 7.39 -18.13
N MET A 191 10.49 8.00 -16.96
CA MET A 191 9.29 7.83 -16.15
C MET A 191 8.38 9.05 -16.26
N GLN A 192 7.07 8.81 -16.15
CA GLN A 192 6.08 9.88 -16.20
C GLN A 192 5.18 9.79 -15.00
N MET A 193 4.67 10.95 -14.57
CA MET A 193 3.83 11.01 -13.39
C MET A 193 2.66 11.93 -13.67
N LYS A 194 1.47 11.50 -13.27
CA LYS A 194 0.33 12.40 -13.18
C LYS A 194 0.09 12.70 -11.71
N PHE A 195 0.28 13.98 -11.34
CA PHE A 195 0.26 14.39 -9.94
C PHE A 195 -0.62 15.61 -9.72
N CYS A 196 -1.26 15.66 -8.54
CA CYS A 196 -2.01 16.83 -8.09
C CYS A 196 -1.70 17.11 -6.62
N PRO A 197 -1.29 18.35 -6.32
CA PRO A 197 -0.92 18.70 -4.94
C PRO A 197 -2.10 19.15 -4.07
N GLU A 198 -3.14 19.70 -4.70
CA GLU A 198 -4.25 20.31 -3.96
C GLU A 198 -5.19 19.30 -3.32
N TYR A 199 -5.51 18.23 -4.04
CA TYR A 199 -6.53 17.27 -3.61
C TYR A 199 -5.89 16.00 -3.05
N VAL A 200 -5.85 15.91 -1.73
CA VAL A 200 -5.12 14.85 -1.04
C VAL A 200 -6.02 13.75 -0.47
N SER A 201 -5.42 12.59 -0.23
CA SER A 201 -6.13 11.45 0.35
C SER A 201 -6.40 11.67 1.84
N VAL A 202 -7.34 10.88 2.39
CA VAL A 202 -7.68 10.96 3.81
C VAL A 202 -7.67 9.56 4.41
N PHE A 203 -7.26 9.47 5.68
CA PHE A 203 -7.20 8.20 6.40
C PHE A 203 -7.61 8.37 7.87
N ASN A 204 -7.77 7.27 8.58
CA ASN A 204 -8.09 7.29 10.01
C ASN A 204 -7.62 6.03 10.73
N ASN A 205 -6.66 6.20 11.64
CA ASN A 205 -6.18 5.09 12.46
C ASN A 205 -7.18 4.69 13.55
N VAL A 206 -7.79 3.52 13.37
CA VAL A 206 -8.80 2.99 14.29
C VAL A 206 -8.21 2.76 15.69
N GLN A 207 -7.01 2.17 15.72
CA GLN A 207 -6.32 1.84 16.96
C GLN A 207 -5.69 3.07 17.63
N GLY A 219 -10.78 12.10 11.01
CA GLY A 219 -9.53 11.42 10.70
C GLY A 219 -8.34 12.35 10.48
N TYR A 220 -7.55 12.05 9.46
CA TYR A 220 -6.35 12.83 9.13
C TYR A 220 -6.20 12.99 7.62
N PHE A 221 -5.79 14.18 7.19
CA PHE A 221 -5.47 14.40 5.77
C PHE A 221 -3.98 14.23 5.49
N SER A 222 -3.67 13.92 4.24
CA SER A 222 -2.33 13.50 3.83
C SER A 222 -1.46 14.69 3.41
N ASP A 223 -0.17 14.65 3.79
CA ASP A 223 0.80 15.66 3.37
C ASP A 223 1.21 15.39 1.92
N PRO A 224 1.05 16.40 1.04
CA PRO A 224 1.29 16.22 -0.39
C PRO A 224 2.75 15.91 -0.76
N ALA A 225 3.70 16.37 0.06
CA ALA A 225 5.11 16.05 -0.15
C ALA A 225 5.38 14.55 0.02
N LEU A 226 4.69 13.92 0.97
CA LEU A 226 4.78 12.47 1.15
C LEU A 226 4.17 11.73 -0.04
N ILE A 227 2.99 12.17 -0.45
CA ILE A 227 2.30 11.63 -1.62
C ILE A 227 3.20 11.72 -2.86
N LEU A 228 3.94 12.83 -2.98
CA LEU A 228 4.90 13.01 -4.05
C LEU A 228 6.11 12.11 -3.89
N MET A 229 6.57 11.94 -2.66
CA MET A 229 7.71 11.06 -2.41
C MET A 229 7.35 9.60 -2.63
N HIS A 230 6.11 9.23 -2.29
CA HIS A 230 5.62 7.90 -2.57
C HIS A 230 5.79 7.61 -4.05
N GLU A 231 5.32 8.54 -4.88
CA GLU A 231 5.41 8.38 -6.34
C GLU A 231 6.86 8.39 -6.83
N LEU A 232 7.71 9.18 -6.19
CA LEU A 232 9.12 9.28 -6.58
C LEU A 232 9.90 7.98 -6.33
N ILE A 233 9.45 7.21 -5.34
CA ILE A 233 9.99 5.88 -5.09
C ILE A 233 9.68 4.95 -6.28
N HIS A 234 8.45 5.00 -6.77
CA HIS A 234 8.07 4.26 -7.98
C HIS A 234 8.98 4.67 -9.13
N VAL A 235 9.19 5.98 -9.28
CA VAL A 235 10.10 6.54 -10.28
C VAL A 235 11.50 5.94 -10.11
N LEU A 236 11.97 5.91 -8.87
CA LEU A 236 13.30 5.36 -8.58
C LEU A 236 13.44 3.92 -9.06
N HIS A 237 12.45 3.10 -8.72
CA HIS A 237 12.41 1.70 -9.17
C HIS A 237 12.39 1.60 -10.69
N GLY A 238 11.61 2.45 -11.33
CA GLY A 238 11.50 2.48 -12.78
C GLY A 238 12.79 2.87 -13.47
N LEU A 239 13.48 3.86 -12.90
CA LEU A 239 14.74 4.33 -13.47
C LEU A 239 15.86 3.31 -13.31
N TYR A 240 15.72 2.43 -12.33
CA TYR A 240 16.70 1.38 -12.10
C TYR A 240 16.33 0.06 -12.79
N GLY A 241 15.14 0.05 -13.39
CA GLY A 241 14.66 -1.13 -14.12
C GLY A 241 14.36 -2.28 -13.20
N ILE A 242 13.91 -1.97 -11.99
CA ILE A 242 13.63 -3.00 -10.99
C ILE A 242 12.16 -3.04 -10.55
N LYS A 243 11.29 -2.39 -11.34
CA LYS A 243 9.85 -2.47 -11.11
C LYS A 243 9.34 -3.74 -11.81
N VAL A 244 9.79 -4.90 -11.35
CA VAL A 244 9.47 -6.16 -12.03
C VAL A 244 8.09 -6.70 -11.69
N ASP A 245 7.51 -7.41 -12.65
CA ASP A 245 6.27 -8.15 -12.45
C ASP A 245 6.56 -9.55 -11.91
N ASP A 246 5.84 -9.90 -10.84
CA ASP A 246 5.95 -11.18 -10.17
C ASP A 246 4.54 -11.56 -9.71
N LEU A 247 4.37 -12.75 -9.16
CA LEU A 247 3.03 -13.15 -8.81
C LEU A 247 2.49 -12.06 -7.92
N PRO A 248 1.29 -11.62 -8.26
CA PRO A 248 0.63 -10.55 -7.53
C PRO A 248 -0.36 -11.05 -6.47
N ILE A 249 -0.75 -10.17 -5.56
CA ILE A 249 -1.88 -10.47 -4.69
C ILE A 249 -3.16 -10.18 -5.48
N VAL A 250 -3.96 -11.23 -5.67
CA VAL A 250 -5.24 -11.11 -6.34
C VAL A 250 -6.36 -11.39 -5.33
N PRO A 251 -7.39 -10.53 -5.31
CA PRO A 251 -8.51 -10.74 -4.39
C PRO A 251 -9.43 -11.86 -4.84
N ASN A 252 -9.95 -12.61 -3.88
CA ASN A 252 -11.00 -13.59 -4.13
C ASN A 252 -12.32 -12.86 -4.41
N GLU A 253 -13.01 -13.28 -5.47
CA GLU A 253 -14.22 -12.59 -5.90
C GLU A 253 -15.42 -13.53 -6.05
N LYS A 254 -15.29 -14.73 -5.47
CA LYS A 254 -16.31 -15.77 -5.60
C LYS A 254 -17.55 -15.53 -4.74
N LYS A 255 -17.42 -14.74 -3.68
CA LYS A 255 -18.55 -14.45 -2.79
C LYS A 255 -18.95 -12.98 -2.81
N PHE A 256 -20.20 -12.72 -2.41
CA PHE A 256 -20.80 -11.38 -2.49
C PHE A 256 -20.14 -10.36 -1.56
N PHE A 257 -19.64 -10.82 -0.41
CA PHE A 257 -19.07 -9.96 0.61
C PHE A 257 -17.58 -9.68 0.40
N MET A 258 -17.07 -10.05 -0.79
CA MET A 258 -15.65 -9.91 -1.11
C MET A 258 -15.38 -8.72 -2.01
N GLN A 259 -14.41 -7.90 -1.60
CA GLN A 259 -14.04 -6.68 -2.30
C GLN A 259 -13.38 -6.96 -3.66
N SER A 260 -13.78 -6.19 -4.67
CA SER A 260 -13.20 -6.29 -6.01
C SER A 260 -12.10 -5.25 -6.21
N THR A 261 -10.95 -5.70 -6.69
CA THR A 261 -9.84 -4.81 -7.00
C THR A 261 -8.91 -5.44 -8.02
N ASP A 262 -8.05 -4.61 -8.60
CA ASP A 262 -7.01 -5.08 -9.52
C ASP A 262 -5.93 -5.86 -8.78
N ALA A 263 -5.13 -6.61 -9.52
CA ALA A 263 -3.98 -7.31 -8.97
C ALA A 263 -3.02 -6.32 -8.32
N ILE A 264 -2.52 -6.69 -7.15
CA ILE A 264 -1.59 -5.85 -6.40
C ILE A 264 -0.18 -6.46 -6.46
N GLN A 265 0.73 -5.75 -7.11
CA GLN A 265 2.11 -6.19 -7.25
C GLN A 265 2.93 -5.94 -5.99
N ALA A 266 3.87 -6.83 -5.72
CA ALA A 266 4.81 -6.70 -4.60
C ALA A 266 5.47 -5.32 -4.56
N GLU A 267 5.87 -4.83 -5.73
CA GLU A 267 6.52 -3.54 -5.86
C GLU A 267 5.72 -2.41 -5.18
N GLU A 268 4.39 -2.49 -5.28
CA GLU A 268 3.51 -1.52 -4.64
C GLU A 268 3.51 -1.68 -3.12
N LEU A 269 3.66 -2.92 -2.64
CA LEU A 269 3.70 -3.20 -1.21
C LEU A 269 5.07 -2.92 -0.58
N TYR A 270 6.14 -3.13 -1.34
CA TYR A 270 7.47 -2.73 -0.89
C TYR A 270 7.53 -1.21 -0.73
N THR A 271 7.02 -0.50 -1.74
CA THR A 271 7.02 0.97 -1.78
C THR A 271 6.31 1.58 -0.57
N PHE A 272 5.16 1.03 -0.20
CA PHE A 272 4.46 1.46 1.01
C PHE A 272 5.31 1.17 2.25
N GLY A 273 5.84 -0.05 2.32
CA GLY A 273 6.71 -0.48 3.42
C GLY A 273 5.93 -0.77 4.69
N GLY A 274 6.67 -0.92 5.80
CA GLY A 274 6.07 -1.21 7.09
C GLY A 274 5.78 -2.68 7.25
N GLN A 275 4.52 -3.01 7.54
CA GLN A 275 4.09 -4.38 7.75
C GLN A 275 3.69 -5.07 6.44
N ASP A 276 3.43 -4.29 5.40
CA ASP A 276 2.91 -4.80 4.13
C ASP A 276 3.82 -5.76 3.34
N PRO A 277 5.15 -5.53 3.33
CA PRO A 277 6.07 -6.50 2.70
C PRO A 277 5.91 -7.95 3.21
N SER A 278 5.34 -8.12 4.40
CA SER A 278 5.10 -9.44 4.97
C SER A 278 4.00 -10.21 4.25
N ILE A 279 3.12 -9.49 3.56
CA ILE A 279 2.08 -10.08 2.72
C ILE A 279 2.70 -10.71 1.46
N ILE A 280 3.93 -10.31 1.16
CA ILE A 280 4.71 -10.95 0.10
C ILE A 280 5.57 -12.02 0.74
N THR A 281 5.40 -13.26 0.28
CA THR A 281 6.08 -14.39 0.88
C THR A 281 7.58 -14.35 0.64
N PRO A 282 8.38 -14.90 1.58
CA PRO A 282 9.82 -15.08 1.32
C PRO A 282 10.10 -15.73 -0.04
N SER A 283 9.27 -16.67 -0.46
CA SER A 283 9.41 -17.31 -1.77
C SER A 283 9.33 -16.30 -2.92
N THR A 284 8.32 -15.43 -2.86
CA THR A 284 8.13 -14.37 -3.85
C THR A 284 9.22 -13.30 -3.72
N ASP A 285 9.59 -12.96 -2.49
CA ASP A 285 10.71 -12.08 -2.21
C ASP A 285 11.95 -12.53 -2.97
N LYS A 286 12.23 -13.83 -2.90
CA LYS A 286 13.42 -14.41 -3.50
C LYS A 286 13.33 -14.47 -5.02
N SER A 287 12.11 -14.65 -5.53
CA SER A 287 11.88 -14.69 -6.96
C SER A 287 12.17 -13.33 -7.59
N ILE A 288 11.68 -12.28 -6.96
CA ILE A 288 11.95 -10.90 -7.39
C ILE A 288 13.45 -10.63 -7.37
N TYR A 289 14.07 -10.88 -6.21
CA TYR A 289 15.52 -10.70 -6.03
C TYR A 289 16.32 -11.35 -7.16
N ASP A 290 16.01 -12.61 -7.46
CA ASP A 290 16.70 -13.35 -8.52
C ASP A 290 16.52 -12.74 -9.91
N LYS A 291 15.29 -12.33 -10.23
CA LYS A 291 14.98 -11.66 -11.51
C LYS A 291 15.76 -10.36 -11.64
N VAL A 292 15.79 -9.59 -10.54
CA VAL A 292 16.50 -8.32 -10.52
C VAL A 292 17.99 -8.57 -10.74
N LEU A 293 18.54 -9.58 -10.06
CA LEU A 293 19.93 -9.94 -10.23
C LEU A 293 20.22 -10.40 -11.66
N GLN A 294 19.30 -11.18 -12.23
CA GLN A 294 19.48 -11.73 -13.57
C GLN A 294 19.39 -10.65 -14.65
N ASN A 295 18.65 -9.57 -14.37
CA ASN A 295 18.61 -8.40 -15.23
C ASN A 295 19.94 -7.63 -15.20
N PHE A 296 20.47 -7.45 -13.99
CA PHE A 296 21.73 -6.75 -13.77
C PHE A 296 22.88 -7.49 -14.43
N ARG A 297 22.84 -8.82 -14.38
CA ARG A 297 23.83 -9.67 -15.06
C ARG A 297 23.85 -9.41 -16.57
N GLY A 298 22.68 -9.14 -17.15
CA GLY A 298 22.56 -8.76 -18.55
C GLY A 298 23.21 -7.41 -18.84
N ILE A 299 22.89 -6.42 -18.01
CA ILE A 299 23.47 -5.08 -18.12
C ILE A 299 25.00 -5.11 -18.02
N VAL A 300 25.53 -5.88 -17.06
CA VAL A 300 26.98 -5.94 -16.87
C VAL A 300 27.67 -6.58 -18.08
N ASP A 301 26.96 -7.51 -18.72
CA ASP A 301 27.46 -8.17 -19.92
C ASP A 301 27.48 -7.19 -21.10
N ARG A 302 26.46 -6.35 -21.17
CA ARG A 302 26.35 -5.32 -22.21
C ARG A 302 27.51 -4.33 -22.18
N LEU A 303 27.82 -3.86 -20.97
CA LEU A 303 28.88 -2.85 -20.79
C LEU A 303 30.26 -3.35 -21.18
N ASN A 304 30.50 -4.65 -20.98
CA ASN A 304 31.76 -5.27 -21.39
C ASN A 304 31.86 -5.52 -22.90
N LYS A 305 30.74 -5.33 -23.59
CA LYS A 305 30.67 -5.63 -25.02
C LYS A 305 30.36 -4.41 -25.89
N VAL A 306 29.84 -3.34 -25.28
CA VAL A 306 29.43 -2.14 -26.01
C VAL A 306 30.61 -1.40 -26.65
N LEU A 307 30.52 -1.18 -27.96
CA LEU A 307 31.60 -0.56 -28.73
C LEU A 307 31.15 0.74 -29.41
N VAL A 308 29.95 0.72 -29.99
CA VAL A 308 29.47 1.83 -30.81
C VAL A 308 28.09 2.34 -30.41
N CYS A 309 27.80 3.56 -30.83
CA CYS A 309 26.46 4.13 -30.73
C CYS A 309 26.06 4.62 -32.13
N ILE A 310 25.06 3.96 -32.71
CA ILE A 310 24.64 4.22 -34.08
C ILE A 310 23.80 5.49 -34.25
N SER A 311 22.92 5.75 -33.29
CA SER A 311 21.96 6.85 -33.37
C SER A 311 22.60 8.22 -33.14
N ASP A 312 23.67 8.26 -32.34
CA ASP A 312 24.36 9.51 -32.03
C ASP A 312 25.88 9.31 -32.02
N PRO A 313 26.59 9.97 -32.94
CA PRO A 313 28.06 9.89 -33.01
C PRO A 313 28.76 10.70 -31.92
N ASN A 314 28.04 11.62 -31.28
CA ASN A 314 28.62 12.48 -30.24
C ASN A 314 28.58 11.88 -28.83
N ILE A 315 28.07 10.66 -28.72
CA ILE A 315 28.07 9.92 -27.46
C ILE A 315 29.45 9.31 -27.22
N ASN A 316 30.11 9.72 -26.14
CA ASN A 316 31.35 9.09 -25.71
C ASN A 316 31.05 7.80 -24.96
N ILE A 317 31.60 6.70 -25.45
CA ILE A 317 31.32 5.36 -24.92
C ILE A 317 31.86 5.20 -23.50
N ASN A 318 33.10 5.63 -23.28
CA ASN A 318 33.75 5.56 -21.97
C ASN A 318 33.07 6.35 -20.86
N ILE A 319 32.45 7.47 -21.24
CA ILE A 319 31.72 8.30 -20.28
C ILE A 319 30.50 7.56 -19.74
N TYR A 320 29.73 6.98 -20.65
CA TYR A 320 28.50 6.26 -20.28
C TYR A 320 28.77 4.88 -19.68
N LYS A 321 29.92 4.28 -20.02
CA LYS A 321 30.34 3.03 -19.40
C LYS A 321 30.67 3.27 -17.93
N ASN A 322 31.31 4.39 -17.64
CA ASN A 322 31.64 4.78 -16.28
C ASN A 322 30.42 5.20 -15.46
N LYS A 323 29.47 5.85 -16.12
CA LYS A 323 28.27 6.32 -15.46
C LYS A 323 27.35 5.17 -15.06
N PHE A 324 27.15 4.20 -15.96
CA PHE A 324 26.34 3.03 -15.65
C PHE A 324 26.98 2.15 -14.57
N LYS A 325 28.31 2.06 -14.62
CA LYS A 325 29.08 1.42 -13.55
C LYS A 325 28.75 2.04 -12.20
N ASP A 326 28.63 3.36 -12.17
CA ASP A 326 28.32 4.09 -10.95
C ASP A 326 26.83 4.02 -10.61
N LYS A 327 26.00 3.77 -11.61
CA LYS A 327 24.55 3.67 -11.40
C LYS A 327 24.22 2.34 -10.73
N TYR A 328 24.66 1.24 -11.33
CA TYR A 328 24.37 -0.09 -10.84
C TYR A 328 25.41 -0.60 -9.83
N LYS A 329 26.39 0.25 -9.52
CA LYS A 329 27.45 -0.05 -8.55
C LYS A 329 28.27 -1.29 -8.93
N PHE A 330 28.60 -1.41 -10.21
CA PHE A 330 29.46 -2.48 -10.70
C PHE A 330 30.90 -2.26 -10.28
N VAL A 331 31.66 -3.36 -10.21
CA VAL A 331 33.08 -3.28 -9.90
C VAL A 331 33.95 -3.50 -11.13
N GLU A 332 35.05 -2.77 -11.19
CA GLU A 332 35.98 -2.83 -12.32
C GLU A 332 37.32 -3.40 -11.84
N ASP A 333 37.88 -4.34 -12.59
CA ASP A 333 39.23 -4.82 -12.32
C ASP A 333 40.28 -3.96 -13.02
N SER A 334 41.55 -4.32 -12.85
CA SER A 334 42.67 -3.57 -13.43
C SER A 334 42.67 -3.54 -14.97
N GLU A 335 42.02 -4.52 -15.59
CA GLU A 335 41.95 -4.60 -17.05
C GLU A 335 40.75 -3.86 -17.68
N GLY A 336 39.72 -3.60 -16.87
CA GLY A 336 38.57 -2.85 -17.34
C GLY A 336 37.27 -3.63 -17.42
N LYS A 337 37.35 -4.93 -17.13
CA LYS A 337 36.20 -5.81 -17.11
C LYS A 337 35.29 -5.50 -15.93
N TYR A 338 33.99 -5.40 -16.19
CA TYR A 338 33.01 -5.14 -15.12
C TYR A 338 32.40 -6.45 -14.63
N SER A 339 32.03 -6.46 -13.34
CA SER A 339 31.33 -7.59 -12.74
C SER A 339 30.42 -7.12 -11.61
N ILE A 340 29.62 -8.05 -11.10
CA ILE A 340 28.75 -7.78 -9.96
C ILE A 340 29.39 -8.31 -8.68
N ASP A 341 29.67 -7.41 -7.75
CA ASP A 341 30.01 -7.77 -6.38
C ASP A 341 28.70 -8.00 -5.62
N VAL A 342 28.48 -9.26 -5.23
CA VAL A 342 27.24 -9.69 -4.59
C VAL A 342 26.82 -8.82 -3.40
N GLU A 343 27.80 -8.42 -2.57
CA GLU A 343 27.51 -7.60 -1.39
C GLU A 343 27.04 -6.19 -1.77
N SER A 344 27.69 -5.57 -2.75
CA SER A 344 27.28 -4.27 -3.29
C SER A 344 25.85 -4.33 -3.84
N PHE A 345 25.57 -5.37 -4.61
CA PHE A 345 24.24 -5.55 -5.18
C PHE A 345 23.19 -5.74 -4.10
N ASP A 346 23.50 -6.58 -3.12
CA ASP A 346 22.57 -6.86 -2.03
C ASP A 346 22.23 -5.61 -1.23
N LYS A 347 23.24 -4.81 -0.92
CA LYS A 347 23.05 -3.56 -0.19
C LYS A 347 22.22 -2.57 -0.99
N LEU A 348 22.50 -2.47 -2.29
CA LEU A 348 21.78 -1.57 -3.19
C LEU A 348 20.34 -2.01 -3.38
N TYR A 349 20.14 -3.31 -3.61
CA TYR A 349 18.80 -3.87 -3.77
C TYR A 349 17.92 -3.55 -2.58
N LYS A 350 18.44 -3.84 -1.38
CA LYS A 350 17.69 -3.64 -0.13
C LYS A 350 17.45 -2.17 0.19
N SER A 351 18.36 -1.30 -0.25
CA SER A 351 18.20 0.14 -0.08
C SER A 351 17.06 0.64 -0.96
N LEU A 352 17.06 0.21 -2.21
CA LEU A 352 16.06 0.61 -3.19
C LEU A 352 14.68 0.05 -2.87
N MET A 353 14.63 -1.18 -2.38
CA MET A 353 13.35 -1.84 -2.11
C MET A 353 12.81 -1.59 -0.71
N PHE A 354 13.70 -1.64 0.29
CA PHE A 354 13.27 -1.59 1.69
C PHE A 354 13.72 -0.36 2.48
N GLY A 355 14.66 0.40 1.90
CA GLY A 355 15.09 1.67 2.49
C GLY A 355 14.12 2.79 2.19
N PHE A 356 14.01 3.16 0.92
CA PHE A 356 13.09 4.22 0.50
C PHE A 356 11.66 3.69 0.47
N THR A 357 10.93 3.92 1.57
CA THR A 357 9.52 3.52 1.69
C THR A 357 8.70 4.63 2.32
N GLU A 358 7.43 4.73 1.95
CA GLU A 358 6.52 5.75 2.46
C GLU A 358 6.49 5.78 4.00
N THR A 359 6.53 4.59 4.61
CA THR A 359 6.57 4.45 6.06
C THR A 359 7.87 4.97 6.67
N ASN A 360 9.01 4.53 6.12
CA ASN A 360 10.31 4.99 6.61
C ASN A 360 10.47 6.50 6.47
N ILE A 361 10.02 7.03 5.34
CA ILE A 361 10.08 8.45 5.06
C ILE A 361 9.18 9.25 6.00
N ALA A 362 7.95 8.78 6.20
CA ALA A 362 7.00 9.43 7.12
C ALA A 362 7.54 9.53 8.54
N GLU A 363 8.28 8.50 8.97
CA GLU A 363 8.92 8.49 10.28
C GLU A 363 10.00 9.55 10.34
N ASN A 364 10.79 9.63 9.27
CA ASN A 364 11.91 10.56 9.18
C ASN A 364 11.48 12.02 8.97
N TYR A 365 10.27 12.21 8.45
CA TYR A 365 9.75 13.54 8.15
C TYR A 365 8.69 14.02 9.14
N LYS A 366 8.46 13.19 10.17
CA LYS A 366 7.46 13.48 11.22
C LYS A 366 6.07 13.70 10.62
N ILE A 367 5.75 12.96 9.56
CA ILE A 367 4.45 13.03 8.91
C ILE A 367 3.64 11.78 9.26
N LYS A 368 2.37 11.98 9.59
CA LYS A 368 1.47 10.85 9.79
C LYS A 368 0.97 10.31 8.46
N THR A 369 0.91 8.98 8.36
CA THR A 369 0.39 8.31 7.17
C THR A 369 -0.56 7.19 7.58
N ARG A 370 -1.18 6.54 6.60
CA ARG A 370 -2.06 5.40 6.86
C ARG A 370 -1.26 4.21 7.37
N ALA A 371 -1.92 3.31 8.11
CA ALA A 371 -1.26 2.18 8.73
C ALA A 371 -0.88 1.08 7.74
N SER A 372 -1.83 0.72 6.88
CA SER A 372 -1.60 -0.29 5.85
C SER A 372 -2.09 0.17 4.48
N TYR A 373 -1.65 -0.52 3.44
CA TYR A 373 -2.14 -0.28 2.08
C TYR A 373 -3.63 -0.68 1.98
N PHE A 374 -4.03 -1.63 2.80
CA PHE A 374 -5.39 -2.16 2.76
C PHE A 374 -6.35 -1.46 3.73
N SER A 375 -5.91 -0.33 4.26
CA SER A 375 -6.76 0.52 5.09
C SER A 375 -7.90 1.10 4.27
N ASP A 376 -9.02 1.39 4.93
CA ASP A 376 -10.16 2.03 4.29
C ASP A 376 -9.80 3.44 3.85
N SER A 377 -10.18 3.79 2.63
CA SER A 377 -9.97 5.15 2.13
C SER A 377 -11.25 5.96 2.29
N LEU A 378 -11.10 7.25 2.58
CA LEU A 378 -12.23 8.14 2.79
C LEU A 378 -12.24 9.22 1.71
N PRO A 379 -13.36 9.99 1.61
CA PRO A 379 -13.44 11.05 0.60
C PRO A 379 -12.27 12.02 0.70
N PRO A 380 -11.67 12.38 -0.45
CA PRO A 380 -10.52 13.31 -0.46
C PRO A 380 -10.91 14.73 -0.06
N VAL A 381 -9.92 15.52 0.32
CA VAL A 381 -10.13 16.92 0.68
C VAL A 381 -9.25 17.86 -0.15
N LYS A 382 -9.77 19.06 -0.41
CA LYS A 382 -9.02 20.10 -1.08
C LYS A 382 -8.26 20.91 -0.04
N ILE A 383 -6.95 21.06 -0.25
CA ILE A 383 -6.12 21.86 0.65
C ILE A 383 -6.29 23.32 0.27
N LYS A 384 -6.74 24.12 1.24
CA LYS A 384 -7.10 25.51 1.04
C LYS A 384 -5.99 26.28 0.31
N ASN A 385 -4.82 26.39 0.92
CA ASN A 385 -3.68 27.08 0.31
C ASN A 385 -2.33 26.55 0.79
N LEU A 386 -1.62 25.88 -0.11
CA LEU A 386 -0.30 25.30 0.19
C LEU A 386 0.82 26.35 0.14
N LEU A 387 0.56 27.46 -0.54
CA LEU A 387 1.52 28.54 -0.66
C LEU A 387 1.46 29.51 0.53
N ASP A 388 0.50 29.27 1.41
CA ASP A 388 0.33 30.07 2.62
C ASP A 388 1.10 29.44 3.77
N ASN A 389 2.18 30.11 4.19
CA ASN A 389 3.09 29.57 5.20
C ASN A 389 2.55 29.50 6.63
N GLU A 390 1.30 29.93 6.80
CA GLU A 390 0.60 29.74 8.09
C GLU A 390 -0.09 28.38 8.10
N ILE A 391 -0.29 27.81 6.92
CA ILE A 391 -0.93 26.52 6.73
C ILE A 391 0.09 25.41 6.52
N TYR A 392 1.00 25.62 5.57
CA TYR A 392 1.96 24.62 5.14
C TYR A 392 3.34 25.25 4.92
N THR A 393 4.37 24.66 5.53
CA THR A 393 5.74 25.16 5.43
C THR A 393 6.69 24.13 4.83
N ILE A 394 7.86 24.60 4.38
CA ILE A 394 8.89 23.74 3.81
C ILE A 394 9.50 22.81 4.87
N GLU A 395 9.74 23.35 6.06
CA GLU A 395 10.43 22.61 7.12
C GLU A 395 9.55 21.68 7.94
N GLU A 396 8.25 21.99 8.03
CA GLU A 396 7.34 21.27 8.95
C GLU A 396 6.02 20.80 8.33
N GLY A 397 5.78 21.10 7.06
CA GLY A 397 4.53 20.77 6.39
C GLY A 397 3.34 21.41 7.08
N PHE A 398 2.33 20.59 7.40
CA PHE A 398 1.15 21.08 8.12
C PHE A 398 1.41 21.23 9.62
N ASN A 399 2.25 20.36 10.16
CA ASN A 399 2.53 20.32 11.59
C ASN A 399 3.48 21.44 12.04
N ILE A 400 3.03 22.67 11.90
CA ILE A 400 3.80 23.86 12.26
C ILE A 400 3.77 24.08 13.77
N SER A 401 4.94 24.10 14.38
CA SER A 401 5.07 24.19 15.84
C SER A 401 4.66 25.55 16.41
N ASP A 402 4.98 26.62 15.69
CA ASP A 402 4.63 27.99 16.11
C ASP A 402 3.14 28.29 15.87
N LYS A 403 2.39 27.27 15.45
CA LYS A 403 0.94 27.34 15.38
C LYS A 403 0.36 26.29 16.33
N ASP A 404 1.24 25.67 17.11
CA ASP A 404 0.89 24.60 18.04
C ASP A 404 0.24 23.41 17.31
N MET A 405 0.91 22.96 16.25
CA MET A 405 0.37 21.91 15.38
C MET A 405 1.32 20.71 15.25
N GLU A 406 2.50 20.80 15.87
CA GLU A 406 3.52 19.75 15.76
C GLU A 406 3.22 18.49 16.58
N LYS A 407 2.80 18.68 17.84
CA LYS A 407 2.56 17.56 18.74
C LYS A 407 1.41 16.66 18.28
N GLU A 408 1.66 15.34 18.28
CA GLU A 408 0.68 14.32 17.90
C GLU A 408 0.00 14.55 16.55
N TYR A 409 0.77 15.09 15.60
CA TYR A 409 0.32 15.36 14.23
C TYR A 409 -0.93 16.24 14.17
N ARG A 410 -1.03 17.18 15.09
CA ARG A 410 -2.18 18.09 15.19
C ARG A 410 -2.47 18.83 13.89
N GLY A 411 -1.43 19.19 13.16
CA GLY A 411 -1.55 19.93 11.89
C GLY A 411 -2.24 19.16 10.79
N GLN A 412 -2.30 17.84 10.91
CA GLN A 412 -2.92 16.99 9.90
C GLN A 412 -4.30 16.51 10.33
N ASN A 413 -4.64 16.74 11.60
CA ASN A 413 -5.92 16.32 12.15
C ASN A 413 -7.07 17.17 11.61
N LYS A 414 -8.10 16.50 11.09
CA LYS A 414 -9.25 17.17 10.49
C LYS A 414 -10.13 17.90 11.50
N ALA A 415 -10.16 17.39 12.72
CA ALA A 415 -10.92 18.02 13.80
C ALA A 415 -10.24 19.29 14.31
N ILE A 416 -8.90 19.26 14.40
CA ILE A 416 -8.13 20.35 15.01
C ILE A 416 -7.81 21.47 14.03
N ASN A 417 -7.25 21.11 12.87
CA ASN A 417 -6.88 22.10 11.85
C ASN A 417 -7.96 22.19 10.77
N LYS A 418 -9.10 22.76 11.15
CA LYS A 418 -10.26 22.88 10.24
C LYS A 418 -10.05 23.92 9.14
N GLN A 419 -9.13 24.86 9.36
CA GLN A 419 -8.87 25.93 8.40
C GLN A 419 -7.90 25.54 7.28
N ALA A 420 -7.24 24.40 7.41
CA ALA A 420 -6.29 23.95 6.39
C ALA A 420 -6.95 23.29 5.18
N TYR A 421 -8.19 22.84 5.34
CA TYR A 421 -8.87 22.05 4.31
C TYR A 421 -10.34 22.41 4.11
N GLU A 422 -10.84 22.12 2.90
CA GLU A 422 -12.26 22.22 2.57
C GLU A 422 -12.78 20.84 2.16
N GLU A 423 -13.99 20.51 2.60
CA GLU A 423 -14.64 19.26 2.19
C GLU A 423 -15.10 19.34 0.73
N ILE A 424 -15.25 18.19 0.10
CA ILE A 424 -15.58 18.10 -1.33
C ILE A 424 -17.05 17.71 -1.57
N SER A 425 -17.68 18.38 -2.54
CA SER A 425 -19.06 18.12 -2.91
C SER A 425 -19.28 16.68 -3.40
N LYS A 426 -20.32 16.04 -2.87
CA LYS A 426 -20.65 14.65 -3.20
C LYS A 426 -21.02 14.45 -4.67
N GLU A 427 -21.44 15.52 -5.32
CA GLU A 427 -21.88 15.49 -6.72
C GLU A 427 -20.74 15.16 -7.68
N HIS A 428 -19.52 15.51 -7.31
CA HIS A 428 -18.35 15.27 -8.15
C HIS A 428 -17.51 14.07 -7.71
N LEU A 429 -18.02 13.31 -6.73
CA LEU A 429 -17.37 12.08 -6.27
C LEU A 429 -17.98 10.82 -6.89
N ALA A 430 -17.13 9.96 -7.42
CA ALA A 430 -17.55 8.70 -8.02
C ALA A 430 -17.03 7.51 -7.22
N VAL A 431 -17.91 6.88 -6.47
CA VAL A 431 -17.55 5.74 -5.62
C VAL A 431 -18.18 4.47 -6.19
N TYR A 432 -17.38 3.41 -6.27
CA TYR A 432 -17.86 2.11 -6.72
C TYR A 432 -18.71 1.47 -5.63
N LYS A 433 -20.00 1.32 -5.92
CA LYS A 433 -20.96 0.79 -4.96
C LYS A 433 -21.44 -0.59 -5.37
N ILE A 434 -21.76 -1.41 -4.37
CA ILE A 434 -22.34 -2.73 -4.59
C ILE A 434 -23.80 -2.70 -4.15
N GLN A 435 -24.70 -3.00 -5.08
CA GLN A 435 -26.13 -3.01 -4.81
C GLN A 435 -26.55 -4.41 -4.34
N MET A 436 -26.83 -4.52 -3.04
CA MET A 436 -27.17 -5.79 -2.42
C MET A 436 -28.68 -5.97 -2.27
N CYS A 437 -29.26 -6.79 -3.13
CA CYS A 437 -30.70 -6.97 -3.17
C CYS A 437 -31.13 -8.31 -2.58
N VAL A 438 -32.33 -8.33 -1.98
CA VAL A 438 -32.84 -9.48 -1.23
C VAL A 438 -33.08 -10.72 -2.13
N ASP A 439 -33.32 -10.50 -3.40
CA ASP A 439 -33.59 -11.59 -4.34
C ASP A 439 -35.07 -11.99 -4.35
N GLY A 440 -35.88 -11.25 -3.58
CA GLY A 440 -37.32 -11.46 -3.52
C GLY A 440 -38.06 -10.26 -4.07
N ILE A 441 -39.38 -10.39 -4.21
CA ILE A 441 -40.27 -9.34 -4.72
C ILE A 441 -39.77 -8.72 -6.04
N ASN B 5 -41.46 -4.63 -6.27
CA ASN B 5 -40.29 -3.73 -6.13
C ASN B 5 -39.07 -4.45 -5.54
N LEU B 6 -37.88 -4.02 -5.96
CA LEU B 6 -36.63 -4.56 -5.43
C LEU B 6 -36.26 -3.92 -4.09
N GLN B 7 -35.79 -4.76 -3.17
CA GLN B 7 -35.33 -4.30 -1.87
C GLN B 7 -33.80 -4.35 -1.83
N CYS B 8 -33.16 -3.25 -2.22
CA CYS B 8 -31.72 -3.20 -2.35
C CYS B 8 -31.04 -2.27 -1.34
N ILE B 9 -30.06 -2.81 -0.63
CA ILE B 9 -29.20 -2.03 0.26
C ILE B 9 -27.90 -1.69 -0.49
N ASP B 10 -27.46 -0.44 -0.38
CA ASP B 10 -26.23 0.00 -1.03
C ASP B 10 -25.03 -0.01 -0.08
N VAL B 11 -23.92 -0.57 -0.55
CA VAL B 11 -22.69 -0.62 0.22
C VAL B 11 -21.49 -0.34 -0.69
N ASP B 12 -20.57 0.49 -0.20
CA ASP B 12 -19.33 0.78 -0.91
C ASP B 12 -18.47 -0.48 -0.98
N ASN B 13 -17.78 -0.65 -2.10
CA ASN B 13 -16.87 -1.77 -2.31
C ASN B 13 -15.78 -1.82 -1.24
N GLU B 14 -15.33 -0.65 -0.81
CA GLU B 14 -14.27 -0.51 0.18
C GLU B 14 -14.65 -1.07 1.55
N ASP B 15 -15.95 -1.12 1.83
CA ASP B 15 -16.44 -1.60 3.13
C ASP B 15 -16.73 -3.10 3.15
N LEU B 16 -16.39 -3.78 2.05
CA LEU B 16 -16.47 -5.24 1.98
C LEU B 16 -15.20 -5.88 2.56
N PHE B 17 -15.14 -7.21 2.55
CA PHE B 17 -13.98 -7.95 3.05
C PHE B 17 -12.96 -8.14 1.94
N PHE B 18 -11.72 -7.73 2.19
CA PHE B 18 -10.63 -8.15 1.31
C PHE B 18 -10.12 -9.50 1.78
N ILE B 19 -10.14 -10.47 0.87
CA ILE B 19 -9.60 -11.79 1.13
C ILE B 19 -8.74 -12.18 -0.07
N ALA B 20 -7.47 -12.42 0.18
CA ALA B 20 -6.54 -12.81 -0.88
C ALA B 20 -6.86 -14.21 -1.39
N ASP B 21 -6.78 -14.39 -2.71
CA ASP B 21 -7.03 -15.66 -3.36
C ASP B 21 -5.89 -16.63 -3.12
N LYS B 22 -6.17 -17.92 -3.30
CA LYS B 22 -5.18 -19.00 -3.17
C LYS B 22 -4.03 -18.84 -4.16
N ASN B 23 -4.32 -18.30 -5.33
CA ASN B 23 -3.32 -18.10 -6.40
C ASN B 23 -2.37 -16.93 -6.14
N SER B 24 -2.55 -16.23 -5.02
CA SER B 24 -1.70 -15.10 -4.64
C SER B 24 -0.36 -15.56 -4.08
N PHE B 25 -0.29 -16.81 -3.65
CA PHE B 25 0.87 -17.30 -2.90
C PHE B 25 1.66 -18.39 -3.62
N SER B 26 2.97 -18.15 -3.72
CA SER B 26 3.91 -19.04 -4.38
C SER B 26 3.91 -20.46 -3.83
N ASP B 27 4.16 -21.42 -4.73
CA ASP B 27 4.22 -22.83 -4.42
C ASP B 27 5.68 -23.31 -4.41
N ASP B 28 6.62 -22.37 -4.50
CA ASP B 28 8.05 -22.65 -4.68
C ASP B 28 8.69 -23.59 -3.65
N LEU B 29 8.13 -23.63 -2.44
CA LEU B 29 8.62 -24.52 -1.39
C LEU B 29 8.50 -25.99 -1.78
N SER B 30 7.60 -26.28 -2.72
CA SER B 30 7.35 -27.63 -3.18
C SER B 30 8.43 -28.14 -4.14
N LYS B 31 9.24 -27.22 -4.65
CA LYS B 31 10.34 -27.57 -5.55
C LYS B 31 11.45 -28.30 -4.83
N ASN B 32 12.18 -29.14 -5.57
CA ASN B 32 13.36 -29.83 -5.06
C ASN B 32 14.53 -28.87 -4.91
N GLU B 33 15.47 -29.22 -4.03
CA GLU B 33 16.67 -28.43 -3.83
C GLU B 33 17.92 -29.29 -3.96
N ARG B 34 18.85 -28.85 -4.81
CA ARG B 34 20.17 -29.46 -4.91
C ARG B 34 21.01 -28.97 -3.73
N ILE B 35 21.66 -29.91 -3.05
CA ILE B 35 22.55 -29.57 -1.94
C ILE B 35 23.99 -29.96 -2.28
N GLU B 36 24.85 -28.95 -2.37
CA GLU B 36 26.25 -29.14 -2.73
C GLU B 36 27.14 -28.67 -1.58
N TYR B 37 28.43 -29.01 -1.65
CA TYR B 37 29.39 -28.67 -0.60
C TYR B 37 29.52 -27.17 -0.34
N ASN B 38 29.18 -26.35 -1.34
CA ASN B 38 29.28 -24.90 -1.24
C ASN B 38 27.94 -24.16 -1.35
N THR B 39 26.85 -24.89 -1.14
CA THR B 39 25.50 -24.32 -1.09
C THR B 39 25.34 -23.48 0.18
N GLN B 40 24.76 -22.29 0.03
CA GLN B 40 24.54 -21.41 1.19
C GLN B 40 23.11 -20.90 1.28
N SER B 41 22.73 -20.44 2.47
CA SER B 41 21.36 -20.01 2.73
C SER B 41 21.08 -18.59 2.24
N ASN B 42 19.85 -18.40 1.76
CA ASN B 42 19.40 -17.11 1.27
C ASN B 42 18.27 -16.58 2.15
N TYR B 43 18.56 -15.49 2.86
CA TYR B 43 17.51 -14.76 3.57
C TYR B 43 17.44 -13.34 3.03
N ILE B 44 16.23 -12.86 2.78
CA ILE B 44 16.02 -11.48 2.40
C ILE B 44 15.18 -10.81 3.47
N GLU B 45 15.84 -10.10 4.36
CA GLU B 45 15.16 -9.31 5.38
C GLU B 45 14.44 -8.16 4.69
N ASN B 46 13.13 -8.06 4.93
CA ASN B 46 12.34 -6.98 4.38
C ASN B 46 12.51 -5.80 5.31
N ASP B 47 13.73 -5.28 5.32
CA ASP B 47 14.10 -4.14 6.17
C ASP B 47 15.49 -3.64 5.82
N PHE B 48 15.68 -2.33 5.95
CA PHE B 48 16.98 -1.69 5.80
C PHE B 48 17.04 -0.47 6.71
N PRO B 49 18.06 -0.40 7.59
CA PRO B 49 18.23 0.69 8.54
C PRO B 49 18.41 2.05 7.86
N ILE B 50 17.49 2.96 8.12
CA ILE B 50 17.45 4.28 7.47
C ILE B 50 18.65 5.17 7.83
N ASN B 51 19.20 4.99 9.03
CA ASN B 51 20.35 5.77 9.48
C ASN B 51 21.66 5.42 8.76
N GLU B 52 21.76 4.18 8.28
CA GLU B 52 22.91 3.75 7.49
C GLU B 52 22.81 4.25 6.05
N LEU B 53 21.59 4.24 5.51
CA LEU B 53 21.31 4.69 4.14
C LEU B 53 21.74 6.13 3.88
N ILE B 54 21.54 6.99 4.86
CA ILE B 54 21.95 8.40 4.76
C ILE B 54 23.48 8.52 4.70
N LEU B 55 24.17 7.73 5.51
CA LEU B 55 25.63 7.82 5.62
C LEU B 55 26.38 6.95 4.60
N ASP B 56 25.68 6.04 3.93
CA ASP B 56 26.33 5.08 3.05
C ASP B 56 26.92 5.73 1.81
N THR B 57 28.25 5.68 1.69
CA THR B 57 28.98 6.29 0.59
C THR B 57 28.76 5.53 -0.72
N ASP B 58 28.49 4.23 -0.60
CA ASP B 58 28.30 3.37 -1.77
C ASP B 58 27.02 3.67 -2.54
N LEU B 59 26.29 4.70 -2.13
CA LEU B 59 25.05 5.11 -2.80
C LEU B 59 25.08 6.57 -3.25
N ILE B 60 26.19 7.25 -2.97
CA ILE B 60 26.40 8.61 -3.49
C ILE B 60 26.97 8.51 -4.90
N SER B 61 26.49 9.37 -5.79
CA SER B 61 26.93 9.38 -7.17
C SER B 61 28.36 9.89 -7.29
N LYS B 62 29.23 9.06 -7.85
CA LYS B 62 30.67 9.34 -7.86
C LYS B 62 31.20 9.86 -9.21
N ILE B 63 30.37 9.79 -10.24
CA ILE B 63 30.71 10.34 -11.56
C ILE B 63 29.71 11.43 -11.94
N GLU B 64 30.21 12.51 -12.53
CA GLU B 64 29.39 13.61 -13.02
C GLU B 64 28.36 13.15 -14.05
N LEU B 65 27.18 13.75 -13.99
CA LEU B 65 26.09 13.50 -14.93
C LEU B 65 26.42 14.06 -16.32
N PRO B 66 26.29 13.22 -17.37
CA PRO B 66 26.57 13.66 -18.75
C PRO B 66 25.56 14.71 -19.23
N SER B 67 25.90 15.40 -20.31
CA SER B 67 25.02 16.42 -20.89
C SER B 67 23.76 15.79 -21.47
N GLU B 68 22.64 16.50 -21.35
CA GLU B 68 21.34 16.00 -21.77
C GLU B 68 21.12 16.07 -23.29
N ASN B 69 21.90 16.89 -23.98
CA ASN B 69 21.74 17.10 -25.42
C ASN B 69 22.10 15.88 -26.26
N THR B 70 21.19 15.49 -27.15
CA THR B 70 21.42 14.35 -28.04
C THR B 70 20.70 14.53 -29.39
N GLU B 71 20.79 13.50 -30.24
CA GLU B 71 20.10 13.49 -31.53
C GLU B 71 18.59 13.34 -31.34
N SER B 72 17.82 13.88 -32.29
CA SER B 72 16.36 13.85 -32.23
C SER B 72 15.82 12.42 -32.34
N LEU B 73 14.65 12.21 -31.75
CA LEU B 73 13.97 10.91 -31.80
C LEU B 73 13.17 10.81 -33.10
N THR B 74 13.36 9.70 -33.82
CA THR B 74 12.64 9.46 -35.07
C THR B 74 11.76 8.21 -35.00
N ASP B 75 12.16 7.25 -34.17
CA ASP B 75 11.39 6.04 -33.97
C ASP B 75 10.38 6.26 -32.84
N PHE B 76 9.14 6.54 -33.22
CA PHE B 76 8.09 6.87 -32.26
C PHE B 76 7.27 5.65 -31.85
N ASN B 77 7.79 4.45 -32.12
CA ASN B 77 7.14 3.21 -31.70
C ASN B 77 6.99 3.14 -30.19
N VAL B 78 5.75 2.99 -29.74
CA VAL B 78 5.42 2.99 -28.31
C VAL B 78 4.02 2.42 -28.09
N ASP B 79 3.82 1.78 -26.93
CA ASP B 79 2.51 1.29 -26.55
C ASP B 79 1.82 2.31 -25.65
N VAL B 80 0.74 2.91 -26.16
CA VAL B 80 -0.02 3.87 -25.39
C VAL B 80 -1.25 3.19 -24.78
N PRO B 81 -1.32 3.16 -23.43
CA PRO B 81 -2.42 2.50 -22.73
C PRO B 81 -3.75 3.22 -22.98
N VAL B 82 -4.82 2.44 -23.10
CA VAL B 82 -6.16 2.98 -23.32
C VAL B 82 -7.01 2.82 -22.06
N TYR B 83 -7.62 3.91 -21.63
CA TYR B 83 -8.47 3.90 -20.44
C TYR B 83 -9.94 4.11 -20.80
N GLU B 84 -10.79 3.16 -20.41
CA GLU B 84 -12.24 3.31 -20.52
C GLU B 84 -12.88 3.11 -19.15
N LYS B 85 -14.03 3.76 -18.94
CA LYS B 85 -14.75 3.66 -17.68
C LYS B 85 -15.58 2.39 -17.60
N GLN B 86 -15.81 1.92 -16.38
CA GLN B 86 -16.75 0.83 -16.11
C GLN B 86 -17.83 1.31 -15.14
N PRO B 87 -19.04 0.74 -15.22
CA PRO B 87 -20.15 1.21 -14.39
C PRO B 87 -19.85 1.18 -12.89
N ALA B 88 -20.25 2.24 -12.18
CA ALA B 88 -19.99 2.37 -10.75
C ALA B 88 -20.96 1.57 -9.89
N ILE B 89 -21.88 0.86 -10.53
CA ILE B 89 -22.88 0.05 -9.83
C ILE B 89 -22.81 -1.41 -10.26
N LYS B 90 -22.78 -2.31 -9.28
CA LYS B 90 -22.86 -3.74 -9.52
C LYS B 90 -23.99 -4.33 -8.68
N LYS B 91 -24.93 -4.98 -9.36
CA LYS B 91 -26.12 -5.54 -8.74
C LYS B 91 -25.86 -6.99 -8.32
N ILE B 92 -26.14 -7.32 -7.05
CA ILE B 92 -26.03 -8.69 -6.54
C ILE B 92 -27.27 -9.10 -5.75
N PHE B 93 -27.45 -10.41 -5.57
CA PHE B 93 -28.66 -10.97 -4.97
C PHE B 93 -28.34 -11.98 -3.89
N THR B 94 -28.79 -11.71 -2.66
CA THR B 94 -28.57 -12.61 -1.54
C THR B 94 -29.69 -12.57 -0.50
N ASP B 95 -29.94 -13.70 0.14
CA ASP B 95 -30.92 -13.80 1.21
C ASP B 95 -30.27 -13.71 2.59
N GLU B 96 -28.96 -13.47 2.61
CA GLU B 96 -28.19 -13.40 3.85
C GLU B 96 -28.35 -12.06 4.58
N ASN B 97 -28.18 -12.09 5.89
CA ASN B 97 -28.29 -10.89 6.71
C ASN B 97 -27.02 -10.74 7.54
N THR B 98 -25.97 -10.35 6.82
CA THR B 98 -24.62 -10.10 7.31
C THR B 98 -24.37 -8.64 7.73
N ILE B 99 -23.13 -8.34 8.09
CA ILE B 99 -22.74 -7.01 8.60
C ILE B 99 -23.46 -5.84 7.96
N PHE B 100 -23.52 -5.84 6.63
CA PHE B 100 -24.07 -4.73 5.85
C PHE B 100 -25.54 -4.50 6.17
N GLN B 101 -26.33 -5.58 6.15
CA GLN B 101 -27.76 -5.50 6.45
C GLN B 101 -27.99 -5.18 7.92
N TYR B 102 -27.07 -5.60 8.77
CA TYR B 102 -27.17 -5.31 10.20
C TYR B 102 -26.76 -3.88 10.54
N LEU B 103 -25.93 -3.29 9.68
CA LEU B 103 -25.54 -1.89 9.83
C LEU B 103 -26.58 -0.95 9.24
N TYR B 104 -27.20 -1.38 8.14
CA TYR B 104 -28.28 -0.61 7.49
C TYR B 104 -29.49 -0.49 8.41
N SER B 105 -29.75 -1.55 9.19
CA SER B 105 -30.86 -1.55 10.15
C SER B 105 -30.68 -0.55 11.27
N GLN B 106 -29.48 0.01 11.38
CA GLN B 106 -29.16 1.02 12.38
C GLN B 106 -29.20 2.44 11.82
N THR B 107 -29.66 2.57 10.57
CA THR B 107 -29.77 3.87 9.90
C THR B 107 -31.23 4.26 9.66
N PHE B 108 -31.44 5.53 9.30
CA PHE B 108 -32.78 6.04 8.99
C PHE B 108 -32.71 7.11 7.90
N PRO B 109 -33.77 7.22 7.08
CA PRO B 109 -33.87 8.31 6.08
C PRO B 109 -34.05 9.68 6.73
N LEU B 110 -33.75 10.73 5.97
CA LEU B 110 -33.84 12.11 6.47
C LEU B 110 -35.28 12.56 6.76
N ASP B 111 -36.20 12.07 5.94
CA ASP B 111 -37.63 12.44 6.05
C ASP B 111 -38.25 12.05 7.39
N ILE B 112 -37.80 10.93 7.95
CA ILE B 112 -38.38 10.39 9.18
C ILE B 112 -37.96 11.19 10.41
N ARG B 113 -38.95 11.62 11.19
CA ARG B 113 -38.73 12.42 12.39
C ARG B 113 -38.86 11.59 13.67
N ASP B 114 -40.00 10.91 13.82
CA ASP B 114 -40.32 10.14 15.01
C ASP B 114 -39.83 8.69 14.88
N ILE B 115 -38.68 8.40 15.51
CA ILE B 115 -38.10 7.06 15.48
C ILE B 115 -38.00 6.44 16.88
N SER B 116 -37.99 5.11 16.91
CA SER B 116 -37.84 4.35 18.15
C SER B 116 -36.87 3.19 17.98
N LEU B 117 -36.03 2.96 18.98
CA LEU B 117 -35.12 1.82 18.98
C LEU B 117 -35.88 0.52 19.22
N THR B 118 -35.39 -0.56 18.61
CA THR B 118 -35.99 -1.89 18.77
C THR B 118 -34.91 -2.96 18.83
N SER B 119 -35.23 -4.11 19.43
CA SER B 119 -34.32 -5.24 19.51
C SER B 119 -34.55 -6.23 18.38
N SER B 120 -35.70 -6.12 17.71
CA SER B 120 -36.04 -6.97 16.58
C SER B 120 -35.42 -6.45 15.28
N PHE B 121 -34.52 -7.25 14.71
CA PHE B 121 -33.82 -6.89 13.49
C PHE B 121 -34.74 -6.78 12.27
N ASP B 122 -35.66 -7.74 12.14
CA ASP B 122 -36.58 -7.78 11.00
C ASP B 122 -37.52 -6.58 10.97
N ASP B 123 -37.97 -6.15 12.15
CA ASP B 123 -38.83 -4.97 12.28
C ASP B 123 -38.09 -3.67 11.99
N ALA B 124 -36.75 -3.71 12.12
CA ALA B 124 -35.91 -2.56 11.83
C ALA B 124 -35.62 -2.43 10.33
N LEU B 125 -35.64 -3.56 9.62
CA LEU B 125 -35.49 -3.57 8.16
C LEU B 125 -36.76 -3.09 7.46
N LEU B 126 -37.91 -3.57 7.96
CA LEU B 126 -39.20 -3.32 7.34
C LEU B 126 -39.65 -1.87 7.47
N PHE B 127 -40.00 -1.47 8.70
CA PHE B 127 -40.45 -0.10 8.99
C PHE B 127 -39.29 0.88 9.00
N SER B 128 -39.40 1.95 8.24
CA SER B 128 -38.35 2.95 8.13
C SER B 128 -38.30 3.91 9.32
N ASN B 129 -39.15 3.68 10.32
CA ASN B 129 -39.15 4.49 11.55
C ASN B 129 -38.69 3.71 12.78
N LYS B 130 -38.33 2.45 12.59
CA LYS B 130 -37.72 1.62 13.63
C LYS B 130 -36.23 1.46 13.34
N VAL B 131 -35.40 1.63 14.37
CA VAL B 131 -33.95 1.50 14.22
C VAL B 131 -33.42 0.42 15.17
N TYR B 132 -32.60 -0.49 14.63
CA TYR B 132 -32.07 -1.60 15.42
C TYR B 132 -30.99 -1.15 16.40
N SER B 133 -31.12 -1.61 17.64
CA SER B 133 -30.11 -1.36 18.67
C SER B 133 -29.67 -2.68 19.29
N PHE B 134 -28.38 -2.76 19.60
CA PHE B 134 -27.78 -4.00 20.10
C PHE B 134 -27.44 -3.95 21.59
N PHE B 135 -27.84 -2.87 22.25
CA PHE B 135 -27.70 -2.77 23.71
C PHE B 135 -28.88 -3.46 24.39
N SER B 136 -28.79 -3.61 25.72
CA SER B 136 -29.84 -4.26 26.51
C SER B 136 -31.18 -3.56 26.35
N MET B 137 -32.26 -4.35 26.35
CA MET B 137 -33.62 -3.83 26.20
C MET B 137 -34.00 -2.82 27.28
N ASP B 138 -33.28 -2.89 28.41
CA ASP B 138 -33.43 -1.93 29.49
C ASP B 138 -33.04 -0.52 29.03
N TYR B 139 -31.94 -0.43 28.28
CA TYR B 139 -31.50 0.82 27.66
C TYR B 139 -32.48 1.30 26.59
N ILE B 140 -32.91 0.38 25.75
CA ILE B 140 -33.77 0.68 24.60
C ILE B 140 -35.09 1.35 25.02
N LYS B 141 -35.74 0.79 26.03
CA LYS B 141 -37.01 1.34 26.52
C LYS B 141 -36.85 2.69 27.24
N THR B 142 -35.67 2.90 27.83
CA THR B 142 -35.34 4.18 28.47
C THR B 142 -35.10 5.27 27.43
N ALA B 143 -34.68 4.88 26.24
CA ALA B 143 -34.46 5.80 25.13
C ALA B 143 -35.75 6.11 24.37
N ASN B 144 -36.82 5.41 24.70
CA ASN B 144 -38.12 5.60 24.06
C ASN B 144 -39.15 6.29 24.94
N LYS B 145 -38.77 6.57 26.19
CA LYS B 145 -39.69 7.16 27.17
C LYS B 145 -39.79 8.68 27.06
N VAL B 146 -41.01 9.18 27.00
CA VAL B 146 -41.28 10.62 26.97
C VAL B 146 -41.51 11.12 28.40
N VAL B 147 -40.92 12.27 28.71
CA VAL B 147 -41.02 12.84 30.06
C VAL B 147 -41.49 14.30 30.04
N GLU B 148 -41.62 14.88 31.23
CA GLU B 148 -41.98 16.28 31.41
C GLU B 148 -40.81 17.20 31.06
N ALA B 149 -41.08 18.49 30.94
CA ALA B 149 -40.06 19.49 30.62
C ALA B 149 -38.95 19.56 31.68
N GLY B 150 -39.36 19.50 32.95
CA GLY B 150 -38.41 19.50 34.07
C GLY B 150 -37.66 18.19 34.20
N LEU B 151 -38.32 17.10 33.84
CA LEU B 151 -37.73 15.76 33.89
C LEU B 151 -36.89 15.43 32.65
N PHE B 152 -36.87 16.35 31.69
CA PHE B 152 -36.17 16.15 30.42
C PHE B 152 -34.65 16.18 30.57
N ALA B 153 -34.16 17.09 31.40
CA ALA B 153 -32.72 17.19 31.71
C ALA B 153 -32.24 15.98 32.52
N GLY B 154 -33.12 15.46 33.38
CA GLY B 154 -32.85 14.24 34.14
C GLY B 154 -32.88 13.01 33.25
N TRP B 155 -33.55 13.11 32.11
CA TRP B 155 -33.63 12.04 31.12
C TRP B 155 -32.39 12.02 30.23
N VAL B 156 -32.03 13.18 29.68
CA VAL B 156 -30.87 13.31 28.79
C VAL B 156 -29.57 12.92 29.49
N LYS B 157 -29.32 13.53 30.64
CA LYS B 157 -28.14 13.22 31.46
C LYS B 157 -28.02 11.72 31.71
N GLN B 158 -29.15 11.08 32.01
CA GLN B 158 -29.18 9.65 32.31
C GLN B 158 -28.99 8.77 31.07
N ILE B 159 -29.68 9.11 29.97
CA ILE B 159 -29.65 8.28 28.76
C ILE B 159 -28.27 8.30 28.07
N VAL B 160 -27.59 9.44 28.13
CA VAL B 160 -26.22 9.55 27.61
C VAL B 160 -25.26 8.84 28.57
N ASN B 161 -25.57 8.89 29.86
CA ASN B 161 -24.83 8.15 30.87
C ASN B 161 -25.04 6.64 30.73
N ASP B 162 -26.26 6.24 30.35
CA ASP B 162 -26.59 4.84 30.10
C ASP B 162 -25.90 4.30 28.85
N PHE B 163 -25.68 5.18 27.88
CA PHE B 163 -24.99 4.85 26.63
C PHE B 163 -23.55 4.42 26.90
N VAL B 164 -22.89 5.14 27.81
CA VAL B 164 -21.50 4.87 28.19
C VAL B 164 -21.38 3.51 28.88
N ILE B 165 -22.29 3.24 29.83
CA ILE B 165 -22.29 2.00 30.61
C ILE B 165 -22.59 0.78 29.73
N GLU B 166 -23.47 0.96 28.75
CA GLU B 166 -23.83 -0.12 27.82
C GLU B 166 -22.70 -0.46 26.84
N ALA B 167 -21.90 0.55 26.51
CA ALA B 167 -20.82 0.40 25.54
C ALA B 167 -19.57 -0.25 26.14
N ASN B 168 -19.43 -0.19 27.46
CA ASN B 168 -18.25 -0.73 28.15
C ASN B 168 -18.47 -2.08 28.81
N LYS B 169 -19.48 -2.82 28.34
CA LYS B 169 -19.75 -4.17 28.83
C LYS B 169 -18.65 -5.14 28.40
N SER B 170 -17.91 -5.66 29.38
CA SER B 170 -16.80 -6.59 29.12
C SER B 170 -16.53 -7.49 30.32
N ASN B 171 -16.62 -8.80 30.09
CA ASN B 171 -16.45 -9.79 31.15
C ASN B 171 -15.42 -10.88 30.82
N THR B 172 -15.51 -12.02 31.51
CA THR B 172 -14.61 -13.18 31.36
C THR B 172 -13.12 -12.80 31.45
N ASP B 178 -9.90 -19.11 28.54
CA ASP B 178 -10.39 -17.76 28.82
C ASP B 178 -9.24 -16.75 28.91
N ILE B 179 -8.85 -16.22 27.75
CA ILE B 179 -7.75 -15.26 27.66
C ILE B 179 -8.22 -13.86 27.24
N SER B 180 -7.59 -12.84 27.83
CA SER B 180 -7.90 -11.42 27.57
C SER B 180 -9.35 -11.03 27.92
N LEU B 181 -9.86 -10.02 27.21
CA LEU B 181 -11.19 -9.47 27.48
C LEU B 181 -12.14 -9.75 26.31
N ILE B 182 -13.43 -9.85 26.60
CA ILE B 182 -14.44 -10.13 25.58
C ILE B 182 -15.62 -9.15 25.61
N VAL B 183 -16.04 -8.72 24.42
CA VAL B 183 -17.21 -7.85 24.26
C VAL B 183 -18.40 -8.67 23.73
N PRO B 184 -19.44 -8.85 24.56
CA PRO B 184 -20.53 -9.78 24.27
C PRO B 184 -21.58 -9.27 23.27
N TYR B 185 -21.53 -8.00 22.90
CA TYR B 185 -22.54 -7.42 22.01
C TYR B 185 -22.08 -7.24 20.55
N ILE B 186 -20.89 -7.71 20.23
CA ILE B 186 -20.36 -7.65 18.86
C ILE B 186 -21.19 -8.50 17.89
N GLY B 187 -21.68 -9.63 18.40
CA GLY B 187 -22.53 -10.53 17.62
C GLY B 187 -23.86 -9.93 17.24
N LEU B 188 -24.53 -9.33 18.23
CA LEU B 188 -25.81 -8.65 18.03
C LEU B 188 -25.66 -7.45 17.10
N ALA B 189 -24.52 -6.78 17.19
CA ALA B 189 -24.24 -5.57 16.43
C ALA B 189 -24.04 -5.81 14.94
N LEU B 190 -23.51 -6.97 14.58
CA LEU B 190 -23.07 -7.20 13.21
C LEU B 190 -23.56 -8.49 12.55
N ASN B 191 -23.78 -9.54 13.36
CA ASN B 191 -24.12 -10.87 12.85
C ASN B 191 -23.12 -11.34 11.79
N VAL B 192 -21.84 -11.23 12.13
CA VAL B 192 -20.75 -11.55 11.20
C VAL B 192 -20.29 -12.99 11.34
N GLY B 193 -20.15 -13.67 10.19
CA GLY B 193 -19.67 -15.04 10.17
C GLY B 193 -20.79 -16.06 10.14
N ASN B 194 -21.08 -16.63 11.31
CA ASN B 194 -22.10 -17.66 11.42
C ASN B 194 -23.09 -17.41 12.57
N GLU B 195 -24.32 -17.04 12.22
CA GLU B 195 -25.43 -16.86 13.17
C GLU B 195 -24.99 -16.22 14.50
N THR B 196 -24.26 -15.11 14.39
CA THR B 196 -23.61 -14.49 15.55
C THR B 196 -24.59 -13.78 16.51
N ALA B 197 -25.59 -13.11 15.95
CA ALA B 197 -26.65 -12.48 16.73
C ALA B 197 -27.50 -13.51 17.46
N LYS B 198 -27.81 -14.61 16.78
CA LYS B 198 -28.53 -15.74 17.37
C LYS B 198 -27.72 -16.44 18.45
N GLY B 199 -28.41 -16.88 19.50
CA GLY B 199 -27.77 -17.54 20.64
C GLY B 199 -26.90 -16.60 21.46
N ASN B 200 -26.25 -17.15 22.48
CA ASN B 200 -25.31 -16.39 23.29
C ASN B 200 -23.96 -16.30 22.59
N PHE B 201 -23.32 -15.14 22.70
CA PHE B 201 -22.03 -14.90 22.03
C PHE B 201 -20.87 -15.52 22.82
N GLU B 202 -20.87 -15.32 24.13
CA GLU B 202 -19.84 -15.87 25.01
C GLU B 202 -19.82 -17.39 25.02
N ASN B 203 -21.00 -18.01 24.92
CA ASN B 203 -21.13 -19.46 24.83
C ASN B 203 -20.54 -19.98 23.51
N ALA B 204 -20.98 -19.39 22.40
CA ALA B 204 -20.55 -19.80 21.06
C ALA B 204 -19.04 -19.64 20.87
N PHE B 205 -18.48 -18.60 21.50
CA PHE B 205 -17.05 -18.32 21.45
C PHE B 205 -16.25 -19.34 22.27
N GLU B 206 -16.77 -19.69 23.45
CA GLU B 206 -16.12 -20.64 24.35
C GLU B 206 -15.99 -22.03 23.72
N ILE B 207 -16.79 -22.27 22.68
CA ILE B 207 -16.77 -23.55 21.96
C ILE B 207 -15.78 -23.53 20.78
N ALA B 208 -15.84 -22.47 19.98
CA ALA B 208 -15.08 -22.43 18.72
C ALA B 208 -14.01 -21.33 18.65
N GLY B 209 -14.12 -20.32 19.50
CA GLY B 209 -13.14 -19.23 19.54
C GLY B 209 -13.31 -18.19 18.45
N ALA B 210 -12.18 -17.70 17.95
CA ALA B 210 -12.16 -16.63 16.94
C ALA B 210 -12.73 -17.02 15.58
N SER B 211 -12.87 -18.32 15.34
CA SER B 211 -13.28 -18.86 14.03
C SER B 211 -14.69 -18.46 13.61
N ILE B 212 -15.59 -18.33 14.59
CA ILE B 212 -17.00 -18.03 14.33
C ILE B 212 -17.25 -16.57 13.90
N LEU B 213 -16.31 -15.69 14.22
CA LEU B 213 -16.39 -14.30 13.82
C LEU B 213 -16.05 -14.09 12.35
N LEU B 214 -15.20 -14.97 11.82
CA LEU B 214 -14.76 -14.90 10.43
C LEU B 214 -15.89 -15.15 9.44
N GLU B 215 -16.04 -14.24 8.48
CA GLU B 215 -17.06 -14.34 7.44
C GLU B 215 -16.75 -15.47 6.47
N PHE B 216 -15.46 -15.71 6.26
CA PHE B 216 -15.00 -16.77 5.37
C PHE B 216 -13.75 -17.44 5.92
N ILE B 217 -13.85 -18.74 6.18
CA ILE B 217 -12.70 -19.55 6.55
C ILE B 217 -12.01 -19.98 5.26
N PRO B 218 -10.76 -19.55 5.07
CA PRO B 218 -10.05 -19.85 3.84
C PRO B 218 -9.22 -21.11 3.94
N GLU B 219 -9.05 -21.80 2.81
CA GLU B 219 -8.15 -22.94 2.72
C GLU B 219 -6.72 -22.42 2.71
N LEU B 220 -5.94 -22.86 3.71
CA LEU B 220 -4.54 -22.51 3.80
C LEU B 220 -3.71 -23.20 2.74
N LEU B 221 -2.76 -22.48 2.16
CA LEU B 221 -1.77 -23.09 1.28
C LEU B 221 -0.55 -23.50 2.10
N ILE B 222 -0.38 -24.81 2.29
CA ILE B 222 0.79 -25.35 2.98
C ILE B 222 1.39 -26.43 2.07
N PRO B 223 2.36 -26.04 1.23
CA PRO B 223 3.00 -26.97 0.30
C PRO B 223 3.83 -28.00 1.04
N VAL B 224 3.93 -29.21 0.46
CA VAL B 224 4.88 -30.20 0.92
C VAL B 224 6.25 -29.71 0.48
N VAL B 225 7.16 -29.50 1.44
CA VAL B 225 8.52 -29.09 1.11
C VAL B 225 9.18 -30.19 0.29
N GLY B 226 9.69 -29.81 -0.88
CA GLY B 226 10.27 -30.75 -1.83
C GLY B 226 11.54 -31.41 -1.35
N ALA B 227 11.84 -32.58 -1.91
CA ALA B 227 12.97 -33.38 -1.49
C ALA B 227 14.30 -32.67 -1.71
N PHE B 228 15.26 -32.94 -0.84
CA PHE B 228 16.62 -32.46 -1.00
C PHE B 228 17.40 -33.51 -1.79
N LEU B 229 18.14 -33.05 -2.79
CA LEU B 229 18.94 -33.94 -3.62
C LEU B 229 20.42 -33.66 -3.39
N LEU B 230 21.03 -34.44 -2.51
CA LEU B 230 22.43 -34.25 -2.14
C LEU B 230 23.34 -34.86 -3.19
N GLU B 231 24.39 -34.14 -3.56
CA GLU B 231 25.36 -34.66 -4.53
C GLU B 231 26.45 -35.46 -3.82
N SER B 232 26.89 -36.54 -4.45
CA SER B 232 27.94 -37.40 -3.91
C SER B 232 29.33 -36.90 -4.28
N TYR B 233 30.30 -37.16 -3.41
CA TYR B 233 31.70 -36.84 -3.66
C TYR B 233 32.59 -38.02 -3.26
N ILE B 234 33.03 -38.79 -4.26
CA ILE B 234 33.88 -39.96 -4.04
C ILE B 234 35.18 -39.65 -3.31
N ASP B 235 35.42 -40.36 -2.20
CA ASP B 235 36.67 -40.28 -1.42
C ASP B 235 37.02 -38.87 -0.89
N ASN B 236 36.04 -37.98 -0.82
CA ASN B 236 36.23 -36.66 -0.21
C ASN B 236 35.35 -36.48 1.03
N LYS B 237 35.92 -36.83 2.19
CA LYS B 237 35.23 -36.78 3.48
C LYS B 237 34.72 -35.38 3.83
N ASN B 238 35.52 -34.36 3.50
CA ASN B 238 35.18 -32.98 3.81
C ASN B 238 33.94 -32.48 3.08
N LYS B 239 33.88 -32.75 1.78
CA LYS B 239 32.76 -32.34 0.95
C LYS B 239 31.46 -33.08 1.30
N ILE B 240 31.61 -34.32 1.76
CA ILE B 240 30.47 -35.10 2.23
C ILE B 240 29.90 -34.52 3.53
N ILE B 241 30.79 -34.17 4.47
CA ILE B 241 30.36 -33.57 5.74
C ILE B 241 29.75 -32.19 5.52
N LYS B 242 30.37 -31.38 4.67
CA LYS B 242 29.87 -30.04 4.36
C LYS B 242 28.47 -30.08 3.75
N THR B 243 28.25 -31.06 2.86
CA THR B 243 26.94 -31.23 2.22
C THR B 243 25.85 -31.54 3.24
N ILE B 244 26.18 -32.38 4.22
CA ILE B 244 25.25 -32.70 5.31
C ILE B 244 24.96 -31.45 6.14
N ASP B 245 25.99 -30.65 6.41
CA ASP B 245 25.83 -29.37 7.11
C ASP B 245 24.93 -28.42 6.34
N ASN B 246 25.23 -28.24 5.05
CA ASN B 246 24.46 -27.37 4.17
C ASN B 246 22.99 -27.78 4.05
N ALA B 247 22.75 -29.08 4.04
CA ALA B 247 21.40 -29.62 4.05
C ALA B 247 20.67 -29.26 5.35
N LEU B 248 21.40 -29.30 6.47
CA LEU B 248 20.82 -28.96 7.76
C LEU B 248 20.50 -27.47 7.91
N THR B 249 21.37 -26.61 7.36
CA THR B 249 21.12 -25.16 7.41
C THR B 249 20.00 -24.75 6.46
N LYS B 250 19.88 -25.46 5.34
CA LYS B 250 18.83 -25.22 4.37
C LYS B 250 17.46 -25.59 4.94
N ARG B 251 17.44 -26.65 5.75
CA ARG B 251 16.26 -27.04 6.51
C ARG B 251 15.69 -25.88 7.33
N ASN B 252 16.57 -25.08 7.94
CA ASN B 252 16.14 -23.90 8.69
C ASN B 252 15.55 -22.83 7.77
N GLU B 253 16.12 -22.70 6.58
CA GLU B 253 15.63 -21.76 5.56
C GLU B 253 14.17 -22.07 5.19
N LYS B 254 13.88 -23.35 5.02
CA LYS B 254 12.54 -23.81 4.66
C LYS B 254 11.51 -23.57 5.78
N TRP B 255 11.91 -23.79 7.03
CA TRP B 255 11.04 -23.50 8.17
C TRP B 255 10.66 -22.03 8.16
N SER B 256 11.68 -21.17 8.07
CA SER B 256 11.49 -19.72 8.00
C SER B 256 10.57 -19.31 6.84
N ASP B 257 10.83 -19.87 5.66
CA ASP B 257 10.00 -19.63 4.47
C ASP B 257 8.53 -20.02 4.70
N MET B 258 8.32 -21.23 5.24
CA MET B 258 6.98 -21.68 5.56
C MET B 258 6.27 -20.72 6.53
N TYR B 259 6.99 -20.27 7.56
CA TYR B 259 6.46 -19.31 8.52
C TYR B 259 6.05 -18.01 7.85
N GLY B 260 6.88 -17.56 6.89
CA GLY B 260 6.56 -16.38 6.09
C GLY B 260 5.28 -16.58 5.30
N LEU B 261 5.17 -17.74 4.67
CA LEU B 261 4.00 -18.08 3.87
C LEU B 261 2.70 -18.08 4.68
N ILE B 262 2.75 -18.60 5.90
CA ILE B 262 1.59 -18.59 6.79
C ILE B 262 1.19 -17.16 7.17
N VAL B 263 2.19 -16.36 7.57
CA VAL B 263 1.98 -14.95 7.92
C VAL B 263 1.35 -14.14 6.78
N ALA B 264 1.92 -14.28 5.58
CA ALA B 264 1.41 -13.61 4.38
C ALA B 264 -0.05 -13.94 4.12
N GLN B 265 -0.41 -15.20 4.36
CA GLN B 265 -1.79 -15.65 4.23
C GLN B 265 -2.64 -15.14 5.39
N TRP B 266 -2.07 -15.06 6.58
CA TRP B 266 -2.79 -14.56 7.76
C TRP B 266 -3.18 -13.09 7.63
N LEU B 267 -2.21 -12.25 7.23
CA LEU B 267 -2.43 -10.82 7.09
C LEU B 267 -3.41 -10.48 5.98
N SER B 268 -3.25 -11.12 4.82
CA SER B 268 -4.04 -10.80 3.65
C SER B 268 -5.36 -11.59 3.55
N THR B 269 -5.69 -12.35 4.58
CA THR B 269 -6.79 -13.30 4.50
C THR B 269 -7.65 -13.35 5.76
N VAL B 270 -7.01 -13.29 6.92
CA VAL B 270 -7.72 -13.36 8.20
C VAL B 270 -7.70 -12.00 8.89
N ASN B 271 -6.52 -11.41 8.98
CA ASN B 271 -6.34 -10.13 9.66
C ASN B 271 -7.09 -8.97 9.00
N THR B 272 -7.32 -9.07 7.70
CA THR B 272 -8.11 -8.08 6.97
C THR B 272 -9.60 -8.16 7.34
N GLN B 273 -10.10 -9.37 7.55
CA GLN B 273 -11.48 -9.57 7.97
C GLN B 273 -11.73 -8.93 9.32
N PHE B 274 -10.81 -9.16 10.26
CA PHE B 274 -10.90 -8.59 11.59
C PHE B 274 -10.75 -7.08 11.61
N TYR B 275 -10.11 -6.53 10.56
CA TYR B 275 -10.02 -5.08 10.39
C TYR B 275 -11.38 -4.50 10.03
N THR B 276 -12.09 -5.19 9.12
CA THR B 276 -13.43 -4.82 8.71
C THR B 276 -14.39 -4.87 9.89
N ILE B 277 -14.29 -5.94 10.69
CA ILE B 277 -15.12 -6.11 11.88
C ILE B 277 -14.86 -4.98 12.89
N LYS B 278 -13.61 -4.54 12.99
CA LYS B 278 -13.27 -3.38 13.82
C LYS B 278 -13.87 -2.09 13.28
N GLU B 279 -13.83 -1.93 11.96
CA GLU B 279 -14.44 -0.79 11.29
C GLU B 279 -15.97 -0.87 11.36
N GLY B 280 -16.49 -2.10 11.29
CA GLY B 280 -17.92 -2.35 11.38
C GLY B 280 -18.48 -1.93 12.72
N MET B 281 -17.75 -2.26 13.79
CA MET B 281 -18.16 -1.88 15.14
C MET B 281 -18.10 -0.37 15.37
N TYR B 282 -17.14 0.29 14.72
CA TYR B 282 -17.01 1.74 14.80
C TYR B 282 -18.24 2.42 14.21
N LYS B 283 -18.68 1.94 13.05
CA LYS B 283 -19.89 2.45 12.39
C LYS B 283 -21.14 2.20 13.23
N ALA B 284 -21.24 1.01 13.80
CA ALA B 284 -22.37 0.62 14.63
C ALA B 284 -22.53 1.52 15.85
N LEU B 285 -21.42 1.78 16.55
CA LEU B 285 -21.43 2.64 17.73
C LEU B 285 -21.81 4.07 17.39
N ASN B 286 -21.39 4.54 16.22
CA ASN B 286 -21.79 5.85 15.72
C ASN B 286 -23.27 5.90 15.38
N TYR B 287 -23.75 4.93 14.60
CA TYR B 287 -25.16 4.87 14.21
C TYR B 287 -26.07 4.87 15.44
N GLN B 288 -25.59 4.27 16.52
CA GLN B 288 -26.32 4.23 17.79
C GLN B 288 -26.38 5.60 18.45
N ALA B 289 -25.28 6.34 18.39
CA ALA B 289 -25.23 7.70 18.91
C ALA B 289 -25.98 8.67 18.01
N GLN B 290 -26.02 8.37 16.72
CA GLN B 290 -26.78 9.16 15.74
C GLN B 290 -28.28 8.97 15.93
N ALA B 291 -28.67 7.75 16.29
CA ALA B 291 -30.06 7.40 16.55
C ALA B 291 -30.55 8.05 17.84
N LEU B 292 -29.66 8.10 18.83
CA LEU B 292 -29.98 8.73 20.12
C LEU B 292 -30.11 10.24 19.97
N GLU B 293 -29.29 10.83 19.11
CA GLU B 293 -29.33 12.27 18.85
C GLU B 293 -30.64 12.71 18.21
N GLU B 294 -31.08 12.00 17.18
CA GLU B 294 -32.33 12.32 16.47
C GLU B 294 -33.56 12.11 17.33
N ILE B 295 -33.48 11.17 18.26
CA ILE B 295 -34.55 10.95 19.25
C ILE B 295 -34.68 12.15 20.19
N ILE B 296 -33.56 12.63 20.71
CA ILE B 296 -33.55 13.81 21.58
C ILE B 296 -34.04 15.04 20.83
N LYS B 297 -33.62 15.17 19.57
CA LYS B 297 -34.05 16.26 18.69
C LYS B 297 -35.58 16.29 18.55
N TYR B 298 -36.18 15.12 18.33
CA TYR B 298 -37.63 15.01 18.15
C TYR B 298 -38.41 15.38 19.40
N ARG B 299 -37.98 14.85 20.55
CA ARG B 299 -38.65 15.11 21.84
C ARG B 299 -38.58 16.59 22.23
N TYR B 300 -37.46 17.23 21.89
CA TYR B 300 -37.23 18.64 22.16
C TYR B 300 -38.20 19.54 21.39
N ASN B 301 -38.42 19.20 20.11
CA ASN B 301 -39.31 19.97 19.24
C ASN B 301 -40.79 19.90 19.60
N ILE B 302 -41.18 18.84 20.32
CA ILE B 302 -42.56 18.67 20.79
C ILE B 302 -42.98 19.83 21.70
N TYR B 303 -42.05 20.29 22.53
CA TYR B 303 -42.30 21.38 23.47
C TYR B 303 -42.60 22.71 22.78
N SER B 304 -43.15 23.66 23.53
CA SER B 304 -43.38 25.02 23.05
C SER B 304 -42.23 25.92 23.47
N GLU B 305 -42.13 27.09 22.84
CA GLU B 305 -41.06 28.06 23.10
C GLU B 305 -40.90 28.41 24.58
N LYS B 306 -42.00 28.34 25.32
CA LYS B 306 -42.00 28.61 26.76
C LYS B 306 -41.28 27.51 27.55
N GLU B 307 -41.59 26.25 27.22
CA GLU B 307 -41.02 25.10 27.91
C GLU B 307 -39.53 24.91 27.61
N LYS B 308 -39.13 25.23 26.38
CA LYS B 308 -37.74 25.07 25.92
C LYS B 308 -36.79 26.08 26.58
N SER B 309 -37.26 27.31 26.72
CA SER B 309 -36.45 28.40 27.26
C SER B 309 -36.13 28.23 28.75
N ASN B 310 -37.03 27.53 29.45
CA ASN B 310 -36.88 27.28 30.89
C ASN B 310 -35.68 26.40 31.24
N ILE B 311 -35.42 25.39 30.39
CA ILE B 311 -34.34 24.45 30.63
C ILE B 311 -33.25 24.53 29.55
N ASN B 312 -32.08 25.02 29.95
CA ASN B 312 -30.92 25.10 29.07
C ASN B 312 -30.09 23.82 29.16
N ILE B 313 -30.13 23.03 28.09
CA ILE B 313 -29.39 21.77 28.02
C ILE B 313 -27.96 22.04 27.53
N ASP B 314 -26.99 21.49 28.25
CA ASP B 314 -25.58 21.62 27.87
C ASP B 314 -25.23 20.59 26.80
N PHE B 315 -25.43 20.98 25.54
CA PHE B 315 -25.16 20.11 24.40
C PHE B 315 -23.66 19.91 24.16
N ASN B 316 -22.86 20.86 24.65
CA ASN B 316 -21.40 20.80 24.57
C ASN B 316 -20.83 19.61 25.33
N ASP B 317 -21.48 19.26 26.45
CA ASP B 317 -21.08 18.14 27.29
C ASP B 317 -21.52 16.79 26.70
N ILE B 318 -22.69 16.78 26.06
CA ILE B 318 -23.27 15.55 25.48
C ILE B 318 -22.39 14.98 24.36
N ASN B 319 -22.03 15.83 23.40
CA ASN B 319 -21.15 15.41 22.30
C ASN B 319 -19.77 14.96 22.79
N SER B 320 -19.31 15.57 23.87
CA SER B 320 -18.06 15.19 24.52
C SER B 320 -18.19 13.82 25.20
N LYS B 321 -19.32 13.60 25.87
CA LYS B 321 -19.61 12.33 26.55
C LYS B 321 -19.80 11.17 25.58
N LEU B 322 -20.48 11.44 24.46
CA LEU B 322 -20.76 10.41 23.46
C LEU B 322 -19.50 10.00 22.69
N ASN B 323 -18.67 10.99 22.32
CA ASN B 323 -17.41 10.71 21.65
C ASN B 323 -16.45 9.91 22.52
N GLU B 324 -16.38 10.27 23.81
CA GLU B 324 -15.55 9.56 24.76
C GLU B 324 -16.11 8.16 25.05
N GLY B 325 -17.44 8.07 25.12
CA GLY B 325 -18.12 6.80 25.34
C GLY B 325 -17.76 5.76 24.30
N ILE B 326 -17.79 6.18 23.03
CA ILE B 326 -17.39 5.32 21.91
C ILE B 326 -15.89 5.01 21.97
N ASN B 327 -15.09 6.02 22.31
CA ASN B 327 -13.63 5.89 22.39
C ASN B 327 -13.16 4.82 23.37
N GLN B 328 -13.79 4.76 24.54
CA GLN B 328 -13.52 3.72 25.53
C GLN B 328 -13.92 2.34 24.98
N ALA B 329 -15.10 2.29 24.35
CA ALA B 329 -15.64 1.07 23.77
C ALA B 329 -14.75 0.50 22.66
N ILE B 330 -14.30 1.38 21.76
CA ILE B 330 -13.44 1.00 20.64
C ILE B 330 -12.11 0.41 21.12
N ASP B 331 -11.56 0.96 22.20
CA ASP B 331 -10.34 0.42 22.81
C ASP B 331 -10.53 -1.00 23.30
N ASN B 332 -11.67 -1.27 23.94
CA ASN B 332 -12.04 -2.61 24.37
C ASN B 332 -12.23 -3.57 23.19
N ILE B 333 -12.87 -3.06 22.13
CA ILE B 333 -13.14 -3.85 20.92
C ILE B 333 -11.85 -4.15 20.15
N ASN B 334 -10.98 -3.15 20.02
CA ASN B 334 -9.67 -3.35 19.40
C ASN B 334 -8.85 -4.41 20.13
N ASN B 335 -8.80 -4.29 21.46
CA ASN B 335 -8.11 -5.24 22.32
C ASN B 335 -8.58 -6.69 22.08
N PHE B 336 -9.90 -6.87 22.02
CA PHE B 336 -10.50 -8.19 21.85
C PHE B 336 -10.30 -8.75 20.44
N ILE B 337 -10.51 -7.90 19.43
CA ILE B 337 -10.41 -8.34 18.04
C ILE B 337 -8.96 -8.65 17.62
N ASN B 338 -8.01 -7.85 18.09
CA ASN B 338 -6.60 -8.10 17.82
C ASN B 338 -6.16 -9.43 18.42
N GLY B 339 -6.61 -9.68 19.65
CA GLY B 339 -6.34 -10.94 20.34
C GLY B 339 -6.95 -12.13 19.62
N CYS B 340 -8.10 -11.91 18.99
CA CYS B 340 -8.76 -12.92 18.16
C CYS B 340 -7.94 -13.21 16.90
N SER B 341 -7.42 -12.16 16.27
CA SER B 341 -6.68 -12.30 15.02
C SER B 341 -5.38 -13.08 15.23
N VAL B 342 -4.73 -12.85 16.36
CA VAL B 342 -3.51 -13.58 16.71
C VAL B 342 -3.86 -14.99 17.19
N SER B 343 -4.98 -15.10 17.90
CA SER B 343 -5.48 -16.40 18.34
C SER B 343 -5.60 -17.33 17.15
N TYR B 344 -6.30 -16.88 16.11
CA TYR B 344 -6.47 -17.67 14.90
C TYR B 344 -5.15 -18.05 14.22
N LEU B 345 -4.16 -17.16 14.31
CA LEU B 345 -2.84 -17.45 13.74
C LEU B 345 -2.15 -18.57 14.49
N MET B 346 -2.12 -18.45 15.82
CA MET B 346 -1.37 -19.36 16.68
C MET B 346 -2.05 -20.71 16.87
N LYS B 347 -3.36 -20.75 16.71
CA LYS B 347 -4.09 -21.98 17.00
C LYS B 347 -4.59 -22.72 15.76
N LYS B 348 -4.89 -21.98 14.70
CA LYS B 348 -5.50 -22.56 13.51
C LYS B 348 -4.60 -22.55 12.27
N MET B 349 -3.44 -21.91 12.37
CA MET B 349 -2.58 -21.74 11.20
C MET B 349 -1.16 -22.29 11.40
N ILE B 350 -0.46 -21.80 12.42
CA ILE B 350 0.93 -22.18 12.68
C ILE B 350 1.09 -23.69 12.95
N PRO B 351 0.24 -24.26 13.85
CA PRO B 351 0.39 -25.69 14.19
C PRO B 351 0.24 -26.62 13.00
N LEU B 352 -0.57 -26.22 12.02
CA LEU B 352 -0.74 -27.01 10.79
C LEU B 352 0.52 -27.02 9.93
N ALA B 353 1.22 -25.88 9.92
CA ALA B 353 2.49 -25.75 9.20
C ALA B 353 3.62 -26.49 9.90
N VAL B 354 3.64 -26.40 11.23
CA VAL B 354 4.63 -27.11 12.05
C VAL B 354 4.53 -28.60 11.77
N GLU B 355 3.29 -29.11 11.73
CA GLU B 355 2.99 -30.49 11.41
C GLU B 355 3.66 -30.92 10.10
N LYS B 356 3.47 -30.12 9.05
CA LYS B 356 4.05 -30.42 7.74
C LYS B 356 5.57 -30.23 7.71
N LEU B 357 6.07 -29.31 8.52
CA LEU B 357 7.51 -29.09 8.65
C LEU B 357 8.19 -30.22 9.41
N LEU B 358 7.48 -30.81 10.37
CA LEU B 358 7.99 -31.99 11.08
C LEU B 358 8.01 -33.21 10.16
N ASP B 359 7.06 -33.27 9.23
CA ASP B 359 7.06 -34.27 8.16
C ASP B 359 8.28 -34.09 7.27
N PHE B 360 8.57 -32.83 6.91
CA PHE B 360 9.76 -32.50 6.14
C PHE B 360 11.04 -32.97 6.83
N ASP B 361 11.11 -32.74 8.15
CA ASP B 361 12.22 -33.21 8.98
C ASP B 361 12.44 -34.72 8.88
N ASN B 362 11.36 -35.50 8.98
CA ASN B 362 11.46 -36.96 8.90
C ASN B 362 11.92 -37.46 7.53
N THR B 363 11.38 -36.85 6.48
CA THR B 363 11.78 -37.15 5.11
C THR B 363 13.26 -36.82 4.93
N LEU B 364 13.69 -35.71 5.51
CA LEU B 364 15.08 -35.29 5.44
C LEU B 364 16.00 -36.19 6.27
N LYS B 365 15.52 -36.60 7.44
CA LYS B 365 16.27 -37.49 8.32
C LYS B 365 16.61 -38.80 7.59
N LYS B 366 15.58 -39.40 6.98
CA LYS B 366 15.70 -40.60 6.17
C LYS B 366 16.65 -40.40 4.98
N ASN B 367 16.50 -39.27 4.31
CA ASN B 367 17.38 -38.84 3.23
C ASN B 367 18.84 -38.83 3.66
N LEU B 368 19.12 -38.09 4.74
CA LEU B 368 20.47 -37.91 5.25
C LEU B 368 21.12 -39.20 5.72
N LEU B 369 20.41 -39.98 6.53
CA LEU B 369 20.92 -41.26 7.00
C LEU B 369 21.23 -42.21 5.83
N ASN B 370 20.33 -42.26 4.87
CA ASN B 370 20.53 -43.06 3.65
C ASN B 370 21.73 -42.57 2.85
N TYR B 371 21.96 -41.26 2.86
CA TYR B 371 23.12 -40.65 2.20
C TYR B 371 24.39 -41.04 2.93
N ILE B 372 24.37 -40.95 4.26
CA ILE B 372 25.46 -41.42 5.10
C ILE B 372 25.72 -42.92 4.86
N ASP B 373 24.64 -43.69 4.70
CA ASP B 373 24.71 -45.12 4.37
C ASP B 373 25.44 -45.41 3.07
N GLU B 374 25.13 -44.63 2.03
CA GLU B 374 25.73 -44.80 0.71
C GLU B 374 27.20 -44.37 0.66
N ASN B 375 27.63 -43.57 1.63
CA ASN B 375 29.00 -43.09 1.68
C ASN B 375 29.82 -43.62 2.87
N LYS B 376 29.32 -44.65 3.53
CA LYS B 376 29.96 -45.20 4.73
C LYS B 376 31.41 -45.62 4.50
N LEU B 377 31.74 -45.94 3.24
CA LEU B 377 33.10 -46.34 2.87
C LEU B 377 34.10 -45.19 2.92
N TYR B 378 33.70 -44.03 2.40
CA TYR B 378 34.58 -42.87 2.34
C TYR B 378 34.59 -42.09 3.64
N LEU B 379 33.64 -42.41 4.52
CA LEU B 379 33.55 -41.78 5.83
C LEU B 379 34.33 -42.53 6.90
N ILE B 380 35.07 -43.56 6.47
CA ILE B 380 35.84 -44.43 7.37
C ILE B 380 34.92 -44.91 8.51
N GLY B 381 35.38 -44.80 9.76
CA GLY B 381 34.58 -45.24 10.90
C GLY B 381 33.84 -44.11 11.60
N SER B 382 33.49 -43.07 10.85
CA SER B 382 32.83 -41.89 11.41
C SER B 382 31.36 -41.75 10.97
N ALA B 383 30.82 -42.82 10.39
CA ALA B 383 29.46 -42.82 9.88
C ALA B 383 28.42 -42.76 11.01
N GLU B 384 28.72 -43.45 12.12
CA GLU B 384 27.84 -43.45 13.28
C GLU B 384 27.87 -42.11 13.99
N TYR B 385 29.02 -41.45 13.93
CA TYR B 385 29.22 -40.13 14.51
C TYR B 385 28.30 -39.11 13.85
N GLU B 386 28.26 -39.11 12.52
CA GLU B 386 27.41 -38.20 11.75
C GLU B 386 25.93 -38.55 11.82
N LYS B 387 25.65 -39.84 11.99
CA LYS B 387 24.31 -40.35 12.19
C LYS B 387 23.63 -39.67 13.38
N SER B 388 24.32 -39.65 14.52
CA SER B 388 23.78 -39.09 15.76
C SER B 388 23.76 -37.56 15.72
N LYS B 389 24.72 -36.99 15.00
CA LYS B 389 24.76 -35.57 14.73
C LYS B 389 23.47 -35.15 14.00
N VAL B 390 23.11 -35.88 12.95
CA VAL B 390 21.87 -35.62 12.22
C VAL B 390 20.65 -35.84 13.11
N ASN B 391 20.68 -36.94 13.87
CA ASN B 391 19.63 -37.26 14.84
C ASN B 391 19.41 -36.21 15.91
N LYS B 392 20.49 -35.69 16.47
CA LYS B 392 20.43 -34.66 17.52
C LYS B 392 19.89 -33.35 16.96
N TYR B 393 20.42 -32.94 15.81
CA TYR B 393 20.10 -31.64 15.21
C TYR B 393 18.63 -31.49 14.84
N LEU B 394 18.05 -32.53 14.24
CA LEU B 394 16.66 -32.47 13.76
C LEU B 394 15.64 -32.70 14.88
N LYS B 395 16.14 -32.68 16.12
CA LYS B 395 15.30 -32.79 17.30
C LYS B 395 14.92 -31.37 17.76
N THR B 396 15.74 -30.40 17.38
CA THR B 396 15.53 -28.99 17.71
C THR B 396 14.93 -28.25 16.52
N ILE B 397 13.82 -27.58 16.76
CA ILE B 397 13.11 -26.86 15.71
C ILE B 397 13.27 -25.34 15.85
N MET B 398 13.15 -24.64 14.73
CA MET B 398 13.12 -23.18 14.73
C MET B 398 11.76 -22.70 15.21
N PRO B 399 11.72 -21.97 16.34
CA PRO B 399 10.44 -21.47 16.85
C PRO B 399 9.95 -20.27 16.05
N PHE B 400 8.63 -20.09 16.02
CA PHE B 400 8.03 -18.99 15.29
C PHE B 400 8.11 -17.70 16.11
N ASP B 401 8.53 -16.62 15.46
CA ASP B 401 8.58 -15.30 16.08
C ASP B 401 7.96 -14.28 15.14
N LEU B 402 6.86 -13.68 15.58
CA LEU B 402 6.09 -12.72 14.78
C LEU B 402 6.80 -11.36 14.61
N SER B 403 7.80 -11.09 15.47
CA SER B 403 8.53 -9.82 15.44
C SER B 403 9.40 -9.68 14.19
N ILE B 404 9.67 -10.80 13.53
CA ILE B 404 10.38 -10.82 12.25
C ILE B 404 9.53 -10.15 11.16
N TYR B 405 8.21 -10.23 11.29
CA TYR B 405 7.29 -9.82 10.23
C TYR B 405 6.53 -8.51 10.48
N THR B 406 6.65 -7.95 11.68
CA THR B 406 5.99 -6.68 12.01
C THR B 406 6.79 -5.85 13.04
N ASN B 407 7.18 -4.65 12.65
CA ASN B 407 8.01 -3.79 13.50
C ASN B 407 7.16 -2.90 14.39
N ASP B 408 7.73 -2.49 15.53
CA ASP B 408 7.09 -1.54 16.46
C ASP B 408 5.57 -1.66 16.47
N THR B 409 5.06 -2.75 17.04
CA THR B 409 3.63 -3.02 17.01
C THR B 409 3.04 -3.40 18.38
N ILE B 410 1.72 -3.34 18.46
CA ILE B 410 0.98 -3.78 19.64
C ILE B 410 0.53 -5.24 19.51
N LEU B 411 0.64 -5.77 18.29
CA LEU B 411 0.32 -7.17 18.01
C LEU B 411 1.37 -8.15 18.53
N ILE B 412 2.59 -7.67 18.75
CA ILE B 412 3.66 -8.49 19.33
C ILE B 412 3.38 -8.81 20.82
N GLU B 413 2.74 -7.87 21.51
CA GLU B 413 2.34 -8.07 22.91
C GLU B 413 1.34 -9.23 23.03
N MET B 414 0.44 -9.31 22.05
CA MET B 414 -0.53 -10.40 21.96
C MET B 414 0.16 -11.74 21.70
N PHE B 415 1.16 -11.71 20.81
CA PHE B 415 1.91 -12.92 20.44
C PHE B 415 2.76 -13.46 21.59
N ASN B 416 3.37 -12.57 22.36
CA ASN B 416 4.23 -12.97 23.48
C ASN B 416 3.46 -13.57 24.66
N LYS B 417 2.14 -13.47 24.61
CA LYS B 417 1.26 -14.06 25.62
C LYS B 417 1.14 -15.58 25.45
N TYR B 418 1.44 -16.08 24.25
CA TYR B 418 1.26 -17.49 23.93
C TYR B 418 2.44 -18.40 24.30
N ASN B 419 2.13 -19.66 24.61
CA ASN B 419 3.10 -20.67 25.02
C ASN B 419 4.04 -21.09 23.88
ZN ZN C . 2.02 3.40 -5.29
#